data_3N4E
#
_entry.id   3N4E
#
_cell.length_a   137.711
_cell.length_b   137.711
_cell.length_c   80.363
_cell.angle_alpha   90.00
_cell.angle_beta   90.00
_cell.angle_gamma   90.00
#
_symmetry.space_group_name_H-M   'P 4 21 2'
#
loop_
_entity.id
_entity.type
_entity.pdbx_description
1 polymer 'Mandelate racemase/muconate lactonizing enzyme, C-terminal domain protein'
2 non-polymer 'CALCIUM ION'
3 non-polymer 'CHLORIDE ION'
4 water water
#
_entity_poly.entity_id   1
_entity_poly.type   'polypeptide(L)'
_entity_poly.pdbx_seq_one_letter_code
;(MSE)SLKIAKVEALSVA(MSE)GDGTGW(MSE)PTSAFVRITAEDGTVGWGEASP(MSE)LGGIASLGVVARDIAPFLE
GQEVLDHAVLLDR(MSE)(MSE)HRLVKLGPEGIATAALAACDIALWDLKGKLLGQPIYKLLGGAWRTRLPCYSSIGGNA
ARSVDEVVREVARRVEAEQPAAVKIRWDGDRTRCDVDIPGDIAKARAVRELLGPDAVIGFDANNGYSVGGAIRVGRALED
LGYSWFEEPVQHYHVGA(MSE)GEVAQRLDITVSAGEQTYTLQALKDLILSGVR(MSE)VQPDIVK(MSE)GGITG
(MSE)(MSE)QCAALAHAHGVEFVPHQTQPGVGHFANIHVLSTL(MSE)H(MSE)TKPVELADRWDRGRPVFRNPAEPVD
GHFALGDAPGLGIVVDEDELASRATEITVGRDQRPPAGGQYEGHHHHHH
;
_entity_poly.pdbx_strand_id   A,B
#
loop_
_chem_comp.id
_chem_comp.type
_chem_comp.name
_chem_comp.formula
CA non-polymer 'CALCIUM ION' 'Ca 2'
CL non-polymer 'CHLORIDE ION' 'Cl -1'
#
# COMPACT_ATOMS: atom_id res chain seq x y z
N SER A 2 13.09 22.14 -23.89
CA SER A 2 11.92 21.59 -24.63
C SER A 2 10.64 21.76 -23.79
N LEU A 3 9.59 21.01 -24.16
CA LEU A 3 8.22 21.19 -23.64
C LEU A 3 7.98 20.95 -22.14
N LYS A 4 7.30 21.90 -21.49
CA LYS A 4 7.04 21.86 -20.05
C LYS A 4 5.59 21.50 -19.70
N ILE A 5 5.43 20.85 -18.54
CA ILE A 5 4.14 20.59 -17.95
C ILE A 5 3.59 21.92 -17.40
N ALA A 6 2.42 22.33 -17.87
CA ALA A 6 1.80 23.56 -17.40
C ALA A 6 0.84 23.33 -16.23
N LYS A 7 0.13 22.22 -16.24
CA LYS A 7 -1.00 22.04 -15.34
C LYS A 7 -1.39 20.57 -15.23
N VAL A 8 -1.59 20.11 -14.00
CA VAL A 8 -2.09 18.77 -13.73
C VAL A 8 -3.43 18.85 -12.99
N GLU A 9 -4.45 18.19 -13.56
CA GLU A 9 -5.78 18.18 -12.95
C GLU A 9 -6.21 16.75 -12.61
N ALA A 10 -6.80 16.59 -11.44
CA ALA A 10 -7.30 15.30 -11.00
C ALA A 10 -8.80 15.35 -11.14
N LEU A 11 -9.35 14.41 -11.91
CA LEU A 11 -10.76 14.45 -12.30
C LEU A 11 -11.57 13.18 -11.94
N SER A 12 -12.61 13.37 -11.13
CA SER A 12 -13.59 12.34 -10.84
C SER A 12 -14.74 12.47 -11.84
N VAL A 13 -14.98 11.41 -12.62
CA VAL A 13 -15.88 11.54 -13.78
C VAL A 13 -16.96 10.47 -13.78
N ALA A 14 -18.22 10.91 -13.83
CA ALA A 14 -19.38 10.03 -13.93
C ALA A 14 -19.47 9.40 -15.32
N MSE A 15 -19.58 8.09 -15.37
CA MSE A 15 -19.45 7.33 -16.61
C MSE A 15 -20.77 6.68 -17.05
O MSE A 15 -21.61 6.34 -16.21
CB MSE A 15 -18.39 6.25 -16.44
CG MSE A 15 -17.00 6.79 -16.14
SE MSE A 15 -16.21 7.65 -17.71
CE MSE A 15 -15.41 6.06 -18.58
N GLY A 16 -20.93 6.50 -18.36
CA GLY A 16 -22.02 5.70 -18.90
C GLY A 16 -23.36 6.38 -19.04
N PRO A 23 -21.45 5.03 -11.06
CA PRO A 23 -20.10 4.49 -11.19
C PRO A 23 -19.15 5.57 -11.73
N THR A 24 -18.07 5.82 -11.00
CA THR A 24 -17.22 6.94 -11.34
C THR A 24 -15.82 6.46 -11.66
N SER A 25 -15.20 7.12 -12.63
CA SER A 25 -13.83 6.85 -13.00
C SER A 25 -12.94 8.01 -12.54
N ALA A 26 -11.64 7.75 -12.51
CA ALA A 26 -10.68 8.71 -11.95
C ALA A 26 -9.56 8.97 -12.96
N PHE A 27 -9.58 10.18 -13.52
CA PHE A 27 -8.69 10.53 -14.63
C PHE A 27 -7.80 11.67 -14.24
N VAL A 28 -6.59 11.67 -14.81
CA VAL A 28 -5.67 12.78 -14.68
C VAL A 28 -5.51 13.43 -16.08
N ARG A 29 -5.74 14.74 -16.17
CA ARG A 29 -5.47 15.50 -17.38
C ARG A 29 -4.23 16.35 -17.17
N ILE A 30 -3.21 16.12 -17.99
CA ILE A 30 -2.01 16.96 -17.95
C ILE A 30 -1.96 17.80 -19.21
N THR A 31 -1.91 19.12 -19.04
CA THR A 31 -1.78 20.09 -20.14
C THR A 31 -0.34 20.60 -20.20
N ALA A 32 0.26 20.56 -21.39
CA ALA A 32 1.59 21.12 -21.59
C ALA A 32 1.52 22.61 -21.87
N GLU A 33 2.68 23.27 -21.86
CA GLU A 33 2.78 24.72 -22.10
C GLU A 33 2.39 25.18 -23.52
N ASP A 34 2.28 24.25 -24.47
CA ASP A 34 1.77 24.58 -25.81
C ASP A 34 0.31 24.20 -25.95
N GLY A 35 -0.32 23.89 -24.83
CA GLY A 35 -1.74 23.61 -24.79
C GLY A 35 -2.15 22.19 -25.15
N THR A 36 -1.18 21.34 -25.48
CA THR A 36 -1.48 19.95 -25.77
C THR A 36 -1.84 19.23 -24.46
N VAL A 37 -2.64 18.18 -24.59
CA VAL A 37 -3.28 17.53 -23.47
C VAL A 37 -3.00 16.01 -23.47
N GLY A 38 -2.63 15.49 -22.30
CA GLY A 38 -2.40 14.05 -22.09
C GLY A 38 -3.37 13.48 -21.06
N TRP A 39 -3.82 12.26 -21.30
CA TRP A 39 -4.82 11.62 -20.45
C TRP A 39 -4.24 10.41 -19.72
N GLY A 40 -4.43 10.36 -18.42
CA GLY A 40 -4.12 9.16 -17.64
C GLY A 40 -5.29 8.75 -16.75
N GLU A 41 -5.22 7.53 -16.23
CA GLU A 41 -6.28 6.99 -15.40
C GLU A 41 -5.69 6.22 -14.23
N ALA A 42 -6.28 6.43 -13.05
CA ALA A 42 -5.97 5.67 -11.86
C ALA A 42 -7.11 4.68 -11.63
N SER A 43 -6.76 3.51 -11.12
CA SER A 43 -7.76 2.50 -10.79
C SER A 43 -8.80 3.14 -9.83
N PRO A 44 -10.09 3.13 -10.24
CA PRO A 44 -11.13 3.85 -9.48
C PRO A 44 -11.63 3.06 -8.25
N MSE A 45 -10.70 2.59 -7.43
CA MSE A 45 -11.01 1.92 -6.18
C MSE A 45 -11.68 2.88 -5.21
O MSE A 45 -11.15 3.97 -4.88
CB MSE A 45 -9.76 1.27 -5.60
CG MSE A 45 -9.10 0.29 -6.60
SE MSE A 45 -10.29 -1.20 -7.20
CE MSE A 45 -11.25 -0.46 -8.74
N LEU A 46 -12.89 2.51 -4.80
CA LEU A 46 -13.79 3.39 -4.06
C LEU A 46 -13.90 4.75 -4.75
N GLY A 47 -13.95 4.73 -6.08
CA GLY A 47 -14.02 5.95 -6.89
C GLY A 47 -12.69 6.54 -7.32
N GLY A 48 -11.58 6.05 -6.76
CA GLY A 48 -10.26 6.59 -7.05
C GLY A 48 -10.04 7.94 -6.38
N ILE A 49 -10.90 8.27 -5.43
CA ILE A 49 -10.91 9.59 -4.81
C ILE A 49 -9.62 9.83 -4.04
N ALA A 50 -9.24 8.84 -3.22
CA ALA A 50 -7.98 8.92 -2.49
C ALA A 50 -6.79 9.14 -3.43
N SER A 51 -6.71 8.37 -4.52
CA SER A 51 -5.63 8.56 -5.51
C SER A 51 -5.64 9.95 -6.16
N LEU A 52 -6.83 10.44 -6.49
CA LEU A 52 -6.96 11.79 -7.05
C LEU A 52 -6.52 12.85 -6.02
N GLY A 53 -6.91 12.65 -4.76
CA GLY A 53 -6.44 13.51 -3.65
C GLY A 53 -4.92 13.64 -3.63
N VAL A 54 -4.25 12.49 -3.77
CA VAL A 54 -2.79 12.43 -3.79
C VAL A 54 -2.20 13.12 -5.01
N VAL A 55 -2.82 12.92 -6.18
CA VAL A 55 -2.43 13.68 -7.37
C VAL A 55 -2.48 15.19 -7.08
N ALA A 56 -3.63 15.66 -6.58
CA ALA A 56 -3.84 17.10 -6.34
C ALA A 56 -2.90 17.70 -5.30
N ARG A 57 -2.78 17.07 -4.14
CA ARG A 57 -2.00 17.65 -3.05
C ARG A 57 -0.49 17.51 -3.22
N ASP A 58 -0.07 16.35 -3.73
CA ASP A 58 1.34 15.92 -3.62
C ASP A 58 2.08 15.90 -4.95
N ILE A 59 1.41 15.43 -6.00
CA ILE A 59 2.09 15.20 -7.29
C ILE A 59 2.02 16.43 -8.22
N ALA A 60 0.88 17.10 -8.26
CA ALA A 60 0.67 18.21 -9.18
C ALA A 60 1.67 19.34 -8.94
N PRO A 61 1.82 19.81 -7.68
CA PRO A 61 2.74 20.93 -7.43
C PRO A 61 4.19 20.62 -7.82
N PHE A 62 4.54 19.34 -7.80
CA PHE A 62 5.88 18.92 -8.16
C PHE A 62 6.07 18.83 -9.67
N LEU A 63 5.04 18.36 -10.37
CA LEU A 63 5.15 18.10 -11.80
C LEU A 63 5.09 19.36 -12.62
N GLU A 64 4.24 20.30 -12.21
CA GLU A 64 4.07 21.57 -12.92
C GLU A 64 5.36 22.38 -13.02
N GLY A 65 5.72 22.76 -14.25
CA GLY A 65 6.97 23.45 -14.54
C GLY A 65 8.11 22.53 -14.97
N GLN A 66 7.89 21.23 -14.90
CA GLN A 66 8.93 20.25 -15.24
C GLN A 66 8.79 19.81 -16.69
N GLU A 67 9.76 19.02 -17.16
CA GLU A 67 9.82 18.59 -18.55
C GLU A 67 9.01 17.31 -18.80
N VAL A 68 8.11 17.35 -19.78
CA VAL A 68 7.28 16.18 -20.12
C VAL A 68 8.12 14.92 -20.35
N LEU A 69 9.25 15.08 -21.04
CA LEU A 69 10.09 13.94 -21.43
C LEU A 69 10.86 13.36 -20.27
N ASP A 70 10.82 14.03 -19.12
CA ASP A 70 11.49 13.53 -17.92
C ASP A 70 10.61 12.59 -17.09
N HIS A 71 9.59 12.03 -17.74
CA HIS A 71 8.57 11.26 -17.03
C HIS A 71 9.08 10.19 -16.06
N ALA A 72 10.07 9.40 -16.50
CA ALA A 72 10.56 8.30 -15.70
C ALA A 72 11.31 8.78 -14.46
N VAL A 73 12.17 9.79 -14.63
CA VAL A 73 12.92 10.36 -13.52
C VAL A 73 11.96 11.03 -12.55
N LEU A 74 11.06 11.84 -13.09
CA LEU A 74 10.08 12.58 -12.31
C LEU A 74 9.22 11.67 -11.42
N LEU A 75 8.71 10.58 -12.00
CA LEU A 75 7.79 9.72 -11.27
C LEU A 75 8.49 8.75 -10.31
N ASP A 76 9.71 8.32 -10.67
CA ASP A 76 10.58 7.59 -9.72
C ASP A 76 10.94 8.47 -8.52
N ARG A 77 11.23 9.73 -8.77
CA ARG A 77 11.52 10.68 -7.70
C ARG A 77 10.27 10.87 -6.86
N MSE A 78 9.13 11.00 -7.53
CA MSE A 78 7.86 11.20 -6.86
C MSE A 78 7.47 10.00 -6.01
O MSE A 78 6.93 10.17 -4.92
CB MSE A 78 6.77 11.53 -7.88
CG MSE A 78 5.57 12.19 -7.24
SE MSE A 78 5.88 13.92 -6.35
CE MSE A 78 7.82 14.05 -6.08
N MSE A 79 7.76 8.81 -6.50
CA MSE A 79 7.45 7.59 -5.75
CA MSE A 79 7.44 7.60 -5.76
C MSE A 79 8.26 7.53 -4.45
O MSE A 79 7.73 7.14 -3.41
CB MSE A 79 7.67 6.32 -6.59
CB MSE A 79 7.60 6.39 -6.66
CG MSE A 79 7.17 5.04 -5.93
CG MSE A 79 8.75 5.48 -6.34
SE MSE A 79 8.41 4.39 -4.50
SE MSE A 79 8.06 4.24 -5.02
CE MSE A 79 9.60 3.28 -5.61
CE MSE A 79 6.84 3.26 -6.20
N HIS A 80 9.53 7.92 -4.49
CA HIS A 80 10.37 7.92 -3.30
C HIS A 80 10.06 9.01 -2.29
N ARG A 81 9.42 10.09 -2.74
CA ARG A 81 8.87 11.10 -1.84
C ARG A 81 7.56 10.65 -1.18
N LEU A 82 6.80 9.84 -1.90
CA LEU A 82 5.48 9.36 -1.51
C LEU A 82 5.55 7.97 -0.88
N VAL A 83 6.76 7.46 -0.69
CA VAL A 83 6.94 6.04 -0.29
C VAL A 83 6.19 5.64 1.00
N LYS A 84 6.15 6.54 1.97
CA LYS A 84 5.52 6.22 3.26
C LYS A 84 3.99 6.34 3.21
N LEU A 85 3.43 6.62 2.03
CA LEU A 85 1.99 6.49 1.83
C LEU A 85 1.61 5.04 1.50
N GLY A 86 2.62 4.20 1.34
CA GLY A 86 2.43 2.78 1.06
C GLY A 86 3.67 2.20 0.41
N PRO A 87 3.74 2.34 -0.90
CA PRO A 87 2.82 3.13 -1.68
C PRO A 87 1.79 2.35 -2.44
N GLU A 88 1.60 1.10 -2.11
CA GLU A 88 0.74 0.23 -2.82
C GLU A 88 -0.66 0.72 -2.84
N GLY A 89 -1.27 0.62 -4.00
CA GLY A 89 -2.66 0.97 -4.17
C GLY A 89 -2.91 2.41 -4.53
N ILE A 90 -3.33 3.16 -3.55
CA ILE A 90 -3.62 4.58 -3.71
C ILE A 90 -2.51 5.36 -4.40
N ALA A 91 -1.29 5.26 -3.87
CA ALA A 91 -0.19 6.05 -4.37
C ALA A 91 0.31 5.56 -5.74
N THR A 92 0.46 4.24 -5.88
CA THR A 92 0.94 3.66 -7.13
C THR A 92 -0.08 3.90 -8.27
N ALA A 93 -1.37 3.78 -7.98
CA ALA A 93 -2.42 4.15 -8.97
C ALA A 93 -2.34 5.62 -9.39
N ALA A 94 -2.09 6.52 -8.44
CA ALA A 94 -1.90 7.93 -8.71
C ALA A 94 -0.69 8.20 -9.60
N LEU A 95 0.40 7.48 -9.37
CA LEU A 95 1.60 7.65 -10.21
C LEU A 95 1.41 6.98 -11.57
N ALA A 96 0.67 5.88 -11.60
CA ALA A 96 0.32 5.23 -12.87
C ALA A 96 -0.46 6.20 -13.77
N ALA A 97 -1.48 6.85 -13.21
CA ALA A 97 -2.29 7.83 -13.94
C ALA A 97 -1.43 8.93 -14.56
N CYS A 98 -0.51 9.50 -13.77
CA CYS A 98 0.39 10.53 -14.27
C CYS A 98 1.33 10.00 -15.36
N ASP A 99 1.81 8.77 -15.18
CA ASP A 99 2.73 8.16 -16.15
C ASP A 99 2.03 8.02 -17.50
N ILE A 100 0.79 7.55 -17.47
CA ILE A 100 0.02 7.39 -18.70
C ILE A 100 -0.23 8.74 -19.39
N ALA A 101 -0.61 9.75 -18.60
CA ALA A 101 -0.84 11.09 -19.14
C ALA A 101 0.41 11.64 -19.82
N LEU A 102 1.56 11.49 -19.18
CA LEU A 102 2.84 11.96 -19.74
C LEU A 102 3.24 11.20 -21.01
N TRP A 103 2.95 9.89 -21.07
CA TRP A 103 3.17 9.12 -22.29
C TRP A 103 2.28 9.59 -23.45
N ASP A 104 1.04 9.95 -23.13
CA ASP A 104 0.12 10.48 -24.12
C ASP A 104 0.71 11.75 -24.73
N LEU A 105 1.14 12.66 -23.84
CA LEU A 105 1.81 13.90 -24.20
C LEU A 105 3.08 13.65 -24.99
N LYS A 106 3.95 12.78 -24.47
CA LYS A 106 5.21 12.39 -25.13
C LYS A 106 4.93 12.00 -26.60
N GLY A 107 3.91 11.16 -26.78
CA GLY A 107 3.55 10.65 -28.10
C GLY A 107 2.99 11.72 -29.02
N LYS A 108 2.19 12.62 -28.46
CA LYS A 108 1.64 13.73 -29.21
C LYS A 108 2.75 14.68 -29.61
N LEU A 109 3.65 15.01 -28.68
CA LEU A 109 4.80 15.87 -28.95
C LEU A 109 5.71 15.31 -30.04
N LEU A 110 5.97 14.01 -29.96
CA LEU A 110 6.91 13.35 -30.86
C LEU A 110 6.27 12.89 -32.17
N GLY A 111 4.95 12.96 -32.23
CA GLY A 111 4.21 12.60 -33.45
C GLY A 111 4.05 11.10 -33.66
N GLN A 112 4.06 10.32 -32.59
CA GLN A 112 4.01 8.86 -32.72
C GLN A 112 3.01 8.18 -31.79
N PRO A 113 2.46 7.02 -32.23
CA PRO A 113 1.71 6.27 -31.25
C PRO A 113 2.68 5.68 -30.22
N ILE A 114 2.19 5.47 -29.00
CA ILE A 114 3.02 4.97 -27.92
C ILE A 114 3.79 3.70 -28.29
N TYR A 115 3.09 2.75 -28.94
CA TYR A 115 3.73 1.48 -29.28
C TYR A 115 4.94 1.66 -30.21
N LYS A 116 4.90 2.69 -31.04
CA LYS A 116 6.02 3.05 -31.93
C LYS A 116 7.17 3.76 -31.19
N LEU A 117 6.91 4.22 -29.97
CA LEU A 117 7.99 4.72 -29.15
C LEU A 117 8.59 3.59 -28.34
N LEU A 118 7.83 2.50 -28.20
CA LEU A 118 8.26 1.34 -27.43
C LEU A 118 8.98 0.27 -28.24
N GLY A 119 9.30 0.57 -29.51
CA GLY A 119 10.02 -0.39 -30.36
C GLY A 119 9.19 -1.16 -31.39
N GLY A 120 7.89 -0.86 -31.47
CA GLY A 120 7.03 -1.46 -32.49
C GLY A 120 6.13 -2.56 -31.97
N ALA A 121 5.23 -3.05 -32.84
CA ALA A 121 4.21 -4.01 -32.41
C ALA A 121 4.32 -5.37 -33.11
N TRP A 122 4.16 -6.43 -32.32
CA TRP A 122 4.00 -7.78 -32.85
C TRP A 122 2.67 -7.95 -33.58
N ARG A 123 1.64 -7.25 -33.11
CA ARG A 123 0.32 -7.33 -33.71
C ARG A 123 -0.46 -6.06 -33.41
N THR A 124 -1.37 -5.68 -34.30
CA THR A 124 -2.21 -4.50 -34.09
C THR A 124 -3.70 -4.88 -33.98
N ARG A 125 -3.98 -6.17 -34.04
CA ARG A 125 -5.31 -6.71 -33.73
C ARG A 125 -5.12 -7.70 -32.58
N LEU A 126 -5.71 -7.38 -31.42
CA LEU A 126 -5.46 -8.16 -30.22
C LEU A 126 -6.72 -8.92 -29.79
N PRO A 127 -6.62 -10.24 -29.61
CA PRO A 127 -7.85 -10.95 -29.27
C PRO A 127 -8.25 -10.56 -27.86
N CYS A 128 -9.55 -10.69 -27.55
CA CYS A 128 -10.06 -10.33 -26.24
C CYS A 128 -10.57 -11.59 -25.55
N TYR A 129 -10.74 -11.51 -24.23
CA TYR A 129 -11.50 -12.52 -23.50
C TYR A 129 -12.59 -11.84 -22.68
N SER A 130 -13.71 -12.53 -22.52
CA SER A 130 -14.84 -11.97 -21.76
C SER A 130 -14.64 -12.22 -20.28
N SER A 131 -14.45 -11.16 -19.53
CA SER A 131 -14.25 -11.25 -18.09
C SER A 131 -15.59 -10.93 -17.39
N ILE A 132 -16.19 -11.99 -16.84
CA ILE A 132 -17.59 -12.01 -16.42
C ILE A 132 -17.67 -12.19 -14.90
N GLY A 133 -18.03 -11.12 -14.18
CA GLY A 133 -18.02 -11.12 -12.72
C GLY A 133 -19.35 -11.39 -12.03
N GLY A 134 -19.33 -11.34 -10.70
CA GLY A 134 -20.54 -11.49 -9.89
C GLY A 134 -21.21 -12.85 -9.90
N ASN A 135 -20.42 -13.91 -9.97
CA ASN A 135 -20.94 -15.27 -10.09
C ASN A 135 -21.11 -15.99 -8.76
N ALA A 136 -20.52 -15.47 -7.68
CA ALA A 136 -20.82 -15.98 -6.33
C ALA A 136 -22.32 -15.81 -5.98
N ALA A 137 -22.89 -14.67 -6.36
CA ALA A 137 -24.27 -14.34 -6.01
C ALA A 137 -25.30 -14.94 -6.98
N ARG A 138 -24.84 -15.43 -8.13
CA ARG A 138 -25.74 -15.99 -9.13
C ARG A 138 -26.08 -17.44 -8.87
N SER A 139 -27.25 -17.84 -9.36
CA SER A 139 -27.61 -19.24 -9.49
C SER A 139 -26.92 -19.80 -10.74
N VAL A 140 -26.91 -21.12 -10.87
CA VAL A 140 -26.29 -21.80 -12.01
C VAL A 140 -26.84 -21.29 -13.35
N ASP A 141 -28.16 -21.18 -13.48
CA ASP A 141 -28.76 -20.75 -14.74
C ASP A 141 -28.43 -19.30 -15.10
N GLU A 142 -28.30 -18.46 -14.08
CA GLU A 142 -27.96 -17.06 -14.27
C GLU A 142 -26.53 -16.93 -14.74
N VAL A 143 -25.65 -17.74 -14.17
CA VAL A 143 -24.26 -17.76 -14.63
C VAL A 143 -24.23 -18.08 -16.13
N VAL A 144 -24.86 -19.19 -16.48
CA VAL A 144 -24.90 -19.69 -17.85
C VAL A 144 -25.46 -18.66 -18.81
N ARG A 145 -26.58 -18.03 -18.42
CA ARG A 145 -27.24 -17.03 -19.26
C ARG A 145 -26.32 -15.85 -19.57
N GLU A 146 -25.58 -15.40 -18.57
CA GLU A 146 -24.69 -14.25 -18.72
C GLU A 146 -23.48 -14.58 -19.60
N VAL A 147 -22.91 -15.77 -19.42
CA VAL A 147 -21.84 -16.23 -20.31
C VAL A 147 -22.35 -16.32 -21.77
N ALA A 148 -23.53 -16.91 -21.96
CA ALA A 148 -24.13 -16.94 -23.31
C ALA A 148 -24.29 -15.53 -23.89
N ARG A 149 -24.83 -14.62 -23.11
CA ARG A 149 -25.08 -13.24 -23.55
C ARG A 149 -23.81 -12.57 -24.06
N ARG A 150 -22.76 -12.56 -23.23
CA ARG A 150 -21.53 -11.86 -23.58
C ARG A 150 -20.71 -12.54 -24.68
N VAL A 151 -20.61 -13.87 -24.63
CA VAL A 151 -19.95 -14.62 -25.70
C VAL A 151 -20.61 -14.31 -27.05
N GLU A 152 -21.93 -14.18 -27.05
CA GLU A 152 -22.66 -13.84 -28.27
C GLU A 152 -22.26 -12.46 -28.77
N ALA A 153 -22.29 -11.48 -27.87
CA ALA A 153 -21.96 -10.09 -28.20
C ALA A 153 -20.50 -9.84 -28.56
N GLU A 154 -19.59 -10.59 -27.92
CA GLU A 154 -18.16 -10.28 -27.98
C GLU A 154 -17.28 -11.25 -28.77
N GLN A 155 -17.78 -12.46 -29.02
CA GLN A 155 -17.04 -13.52 -29.73
C GLN A 155 -15.60 -13.66 -29.22
N PRO A 156 -15.39 -13.81 -27.91
CA PRO A 156 -14.01 -13.73 -27.40
C PRO A 156 -13.18 -14.99 -27.72
N ALA A 157 -11.87 -14.87 -27.58
CA ALA A 157 -10.95 -15.98 -27.75
C ALA A 157 -10.95 -16.89 -26.51
N ALA A 158 -11.43 -16.37 -25.38
CA ALA A 158 -11.49 -17.11 -24.13
C ALA A 158 -12.58 -16.50 -23.29
N VAL A 159 -12.96 -17.18 -22.21
CA VAL A 159 -13.91 -16.67 -21.22
C VAL A 159 -13.31 -16.87 -19.83
N LYS A 160 -13.43 -15.86 -18.98
CA LYS A 160 -13.10 -15.98 -17.55
C LYS A 160 -14.31 -15.61 -16.70
N ILE A 161 -14.75 -16.55 -15.87
CA ILE A 161 -15.86 -16.32 -14.95
C ILE A 161 -15.28 -16.00 -13.59
N ARG A 162 -15.66 -14.86 -13.04
CA ARG A 162 -15.11 -14.38 -11.77
C ARG A 162 -16.19 -14.45 -10.70
N TRP A 163 -15.77 -14.58 -9.45
CA TRP A 163 -16.71 -14.78 -8.35
C TRP A 163 -17.11 -13.51 -7.61
N ASP A 164 -16.15 -12.63 -7.32
CA ASP A 164 -16.40 -11.36 -6.60
C ASP A 164 -17.11 -11.59 -5.27
N GLY A 165 -16.66 -12.61 -4.53
CA GLY A 165 -17.24 -12.97 -3.24
C GLY A 165 -16.78 -12.04 -2.12
N ASP A 166 -17.23 -12.35 -0.91
CA ASP A 166 -17.01 -11.53 0.26
C ASP A 166 -15.70 -12.01 0.89
N ARG A 167 -14.68 -11.17 0.87
CA ARG A 167 -13.32 -11.62 1.25
C ARG A 167 -13.15 -11.87 2.74
N THR A 168 -14.12 -11.44 3.54
CA THR A 168 -14.18 -11.81 4.96
C THR A 168 -14.58 -13.28 5.13
N ARG A 169 -15.01 -13.91 4.05
CA ARG A 169 -15.46 -15.28 4.13
C ARG A 169 -14.58 -16.21 3.29
N CYS A 170 -14.39 -17.43 3.78
CA CYS A 170 -13.50 -18.38 3.13
C CYS A 170 -14.20 -19.71 2.86
N ASP A 171 -13.88 -20.34 1.73
CA ASP A 171 -14.44 -21.65 1.36
C ASP A 171 -15.98 -21.69 1.47
N VAL A 172 -16.63 -20.66 0.95
CA VAL A 172 -18.07 -20.46 1.16
C VAL A 172 -18.96 -21.57 0.56
N ASP A 173 -18.74 -21.89 -0.72
CA ASP A 173 -19.59 -22.83 -1.42
C ASP A 173 -18.82 -23.62 -2.48
N ILE A 174 -17.89 -24.44 -2.03
CA ILE A 174 -17.02 -25.17 -2.96
C ILE A 174 -17.81 -26.03 -3.96
N PRO A 175 -18.75 -26.88 -3.49
CA PRO A 175 -19.52 -27.69 -4.48
C PRO A 175 -20.31 -26.84 -5.48
N GLY A 176 -20.88 -25.74 -4.99
CA GLY A 176 -21.65 -24.84 -5.85
C GLY A 176 -20.76 -24.19 -6.88
N ASP A 177 -19.60 -23.74 -6.43
CA ASP A 177 -18.61 -23.16 -7.34
C ASP A 177 -18.20 -24.11 -8.45
N ILE A 178 -17.98 -25.38 -8.10
CA ILE A 178 -17.63 -26.41 -9.05
C ILE A 178 -18.78 -26.66 -10.06
N ALA A 179 -20.02 -26.68 -9.57
CA ALA A 179 -21.17 -26.95 -10.44
C ALA A 179 -21.32 -25.82 -11.46
N LYS A 180 -20.98 -24.61 -11.04
CA LYS A 180 -20.99 -23.45 -11.92
C LYS A 180 -19.94 -23.57 -13.03
N ALA A 181 -18.72 -23.94 -12.63
CA ALA A 181 -17.64 -24.17 -13.57
C ALA A 181 -18.04 -25.26 -14.58
N ARG A 182 -18.66 -26.31 -14.06
CA ARG A 182 -19.15 -27.43 -14.86
CA ARG A 182 -19.14 -27.44 -14.87
C ARG A 182 -20.22 -27.00 -15.87
N ALA A 183 -21.20 -26.23 -15.40
CA ALA A 183 -22.27 -25.73 -16.26
C ALA A 183 -21.75 -24.84 -17.41
N VAL A 184 -20.75 -24.01 -17.11
CA VAL A 184 -20.16 -23.15 -18.11
C VAL A 184 -19.33 -23.96 -19.11
N ARG A 185 -18.73 -25.07 -18.69
CA ARG A 185 -18.01 -25.95 -19.64
C ARG A 185 -19.00 -26.63 -20.60
N GLU A 186 -20.11 -27.13 -20.05
CA GLU A 186 -21.16 -27.73 -20.89
C GLU A 186 -21.65 -26.75 -21.95
N LEU A 187 -21.82 -25.49 -21.56
CA LEU A 187 -22.29 -24.46 -22.46
C LEU A 187 -21.32 -24.13 -23.60
N LEU A 188 -20.04 -24.02 -23.27
CA LEU A 188 -19.05 -23.50 -24.21
C LEU A 188 -18.38 -24.56 -25.10
N GLY A 189 -18.49 -25.84 -24.70
CA GLY A 189 -17.91 -26.95 -25.46
C GLY A 189 -16.51 -27.33 -25.00
N PRO A 190 -16.01 -28.49 -25.47
CA PRO A 190 -14.78 -29.10 -24.97
C PRO A 190 -13.53 -28.29 -25.29
N ASP A 191 -13.61 -27.46 -26.33
CA ASP A 191 -12.46 -26.78 -26.92
C ASP A 191 -12.23 -25.38 -26.36
N ALA A 192 -13.31 -24.73 -25.93
CA ALA A 192 -13.24 -23.37 -25.40
C ALA A 192 -12.17 -23.20 -24.33
N VAL A 193 -11.52 -22.03 -24.35
CA VAL A 193 -10.55 -21.66 -23.35
C VAL A 193 -11.33 -20.95 -22.23
N ILE A 194 -11.29 -21.52 -21.01
CA ILE A 194 -12.00 -20.96 -19.87
C ILE A 194 -11.09 -20.80 -18.65
N GLY A 195 -11.20 -19.63 -18.04
CA GLY A 195 -10.52 -19.33 -16.81
C GLY A 195 -11.54 -19.13 -15.70
N PHE A 196 -11.05 -19.30 -14.47
CA PHE A 196 -11.87 -19.29 -13.28
C PHE A 196 -11.16 -18.37 -12.30
N ASP A 197 -11.89 -17.33 -11.89
CA ASP A 197 -11.32 -16.31 -11.03
C ASP A 197 -11.99 -16.42 -9.67
N ALA A 198 -11.27 -16.99 -8.72
CA ALA A 198 -11.78 -17.22 -7.38
C ALA A 198 -11.90 -15.95 -6.56
N ASN A 199 -11.26 -14.86 -7.03
CA ASN A 199 -11.21 -13.59 -6.30
C ASN A 199 -10.93 -13.77 -4.82
N ASN A 200 -9.85 -14.50 -4.52
CA ASN A 200 -9.39 -14.73 -3.17
C ASN A 200 -10.30 -15.61 -2.27
N GLY A 201 -11.13 -16.46 -2.88
CA GLY A 201 -12.17 -17.17 -2.13
C GLY A 201 -11.83 -18.38 -1.28
N TYR A 202 -10.62 -18.92 -1.44
CA TYR A 202 -10.30 -20.23 -0.87
C TYR A 202 -9.10 -20.27 0.08
N SER A 203 -9.08 -21.30 0.92
CA SER A 203 -7.92 -21.62 1.73
C SER A 203 -6.96 -22.39 0.82
N VAL A 204 -5.79 -22.79 1.34
CA VAL A 204 -4.89 -23.61 0.52
C VAL A 204 -5.59 -24.91 0.08
N GLY A 205 -6.12 -25.65 1.06
CA GLY A 205 -6.84 -26.89 0.78
C GLY A 205 -8.05 -26.74 -0.11
N GLY A 206 -8.86 -25.70 0.12
CA GLY A 206 -10.01 -25.40 -0.73
C GLY A 206 -9.58 -25.07 -2.15
N ALA A 207 -8.48 -24.33 -2.29
CA ALA A 207 -7.91 -23.99 -3.61
C ALA A 207 -7.50 -25.23 -4.41
N ILE A 208 -6.88 -26.20 -3.72
CA ILE A 208 -6.43 -27.43 -4.34
C ILE A 208 -7.64 -28.25 -4.76
N ARG A 209 -8.60 -28.38 -3.87
CA ARG A 209 -9.80 -29.11 -4.17
C ARG A 209 -10.48 -28.55 -5.43
N VAL A 210 -10.60 -27.22 -5.50
CA VAL A 210 -11.24 -26.56 -6.65
C VAL A 210 -10.37 -26.70 -7.90
N GLY A 211 -9.08 -26.43 -7.75
CA GLY A 211 -8.12 -26.62 -8.81
C GLY A 211 -8.23 -27.96 -9.49
N ARG A 212 -8.28 -29.04 -8.71
CA ARG A 212 -8.39 -30.39 -9.28
C ARG A 212 -9.66 -30.53 -10.09
N ALA A 213 -10.74 -29.95 -9.58
CA ALA A 213 -12.02 -30.02 -10.25
C ALA A 213 -11.96 -29.22 -11.56
N LEU A 214 -11.24 -28.10 -11.56
CA LEU A 214 -11.06 -27.30 -12.78
C LEU A 214 -10.18 -28.01 -13.83
N GLU A 215 -9.16 -28.73 -13.36
CA GLU A 215 -8.33 -29.54 -14.25
C GLU A 215 -9.14 -30.64 -14.93
N ASP A 216 -10.06 -31.24 -14.17
CA ASP A 216 -10.96 -32.24 -14.71
C ASP A 216 -11.85 -31.69 -15.82
N LEU A 217 -12.17 -30.40 -15.73
CA LEU A 217 -13.04 -29.74 -16.70
C LEU A 217 -12.25 -29.00 -17.78
N GLY A 218 -10.94 -29.25 -17.85
CA GLY A 218 -10.06 -28.63 -18.84
C GLY A 218 -9.88 -27.11 -18.78
N TYR A 219 -10.17 -26.47 -17.64
CA TYR A 219 -9.96 -25.03 -17.50
C TYR A 219 -8.48 -24.68 -17.72
N SER A 220 -8.22 -23.49 -18.27
CA SER A 220 -6.86 -23.12 -18.66
C SER A 220 -6.09 -22.36 -17.58
N TRP A 221 -6.76 -21.51 -16.82
CA TRP A 221 -6.11 -20.89 -15.65
C TRP A 221 -7.05 -20.64 -14.48
N PHE A 222 -6.43 -20.44 -13.32
CA PHE A 222 -7.10 -20.37 -12.03
C PHE A 222 -6.57 -19.11 -11.36
N GLU A 223 -7.42 -18.10 -11.26
CA GLU A 223 -6.98 -16.75 -10.90
C GLU A 223 -7.25 -16.45 -9.44
N GLU A 224 -6.24 -15.93 -8.75
CA GLU A 224 -6.29 -15.58 -7.33
C GLU A 224 -7.03 -16.61 -6.46
N PRO A 225 -6.51 -17.85 -6.39
CA PRO A 225 -7.26 -18.84 -5.61
C PRO A 225 -7.36 -18.48 -4.13
N VAL A 226 -6.32 -17.87 -3.57
CA VAL A 226 -6.25 -17.53 -2.12
C VAL A 226 -6.18 -16.00 -1.87
N GLN A 227 -6.20 -15.58 -0.60
CA GLN A 227 -6.06 -14.16 -0.26
C GLN A 227 -4.74 -13.67 -0.81
N HIS A 228 -4.76 -12.53 -1.50
CA HIS A 228 -3.57 -11.99 -2.16
C HIS A 228 -2.43 -11.73 -1.18
N TYR A 229 -2.77 -11.48 0.08
CA TYR A 229 -1.72 -11.19 1.07
C TYR A 229 -0.98 -12.46 1.53
N HIS A 230 -1.49 -13.63 1.16
CA HIS A 230 -0.80 -14.90 1.41
C HIS A 230 0.06 -15.29 0.21
N VAL A 231 1.15 -14.57 -0.01
CA VAL A 231 2.01 -14.77 -1.18
C VAL A 231 2.65 -16.15 -1.19
N GLY A 232 3.11 -16.61 -0.01
CA GLY A 232 3.68 -17.94 0.12
C GLY A 232 2.70 -19.03 -0.31
N ALA A 233 1.46 -18.92 0.15
CA ALA A 233 0.40 -19.88 -0.18
C ALA A 233 0.01 -19.81 -1.66
N MSE A 234 -0.02 -18.60 -2.21
CA MSE A 234 -0.36 -18.39 -3.61
C MSE A 234 0.60 -19.18 -4.54
O MSE A 234 0.16 -19.93 -5.41
CB MSE A 234 -0.34 -16.89 -3.93
CG MSE A 234 -0.80 -16.55 -5.33
SE MSE A 234 -2.79 -16.59 -5.59
CE MSE A 234 -3.28 -14.94 -4.65
N GLY A 235 1.90 -19.02 -4.30
CA GLY A 235 2.93 -19.76 -5.01
C GLY A 235 2.93 -21.24 -4.72
N GLU A 236 2.73 -21.64 -3.47
CA GLU A 236 2.58 -23.06 -3.12
C GLU A 236 1.42 -23.70 -3.93
N VAL A 237 0.27 -23.06 -3.94
CA VAL A 237 -0.87 -23.55 -4.69
C VAL A 237 -0.55 -23.64 -6.19
N ALA A 238 0.20 -22.66 -6.68
CA ALA A 238 0.58 -22.61 -8.08
C ALA A 238 1.47 -23.78 -8.46
N GLN A 239 2.38 -24.15 -7.56
CA GLN A 239 3.34 -25.24 -7.83
C GLN A 239 2.74 -26.61 -7.55
N ARG A 240 1.68 -26.68 -6.77
CA ARG A 240 1.07 -27.95 -6.43
C ARG A 240 0.06 -28.43 -7.49
N LEU A 241 -0.48 -27.49 -8.26
CA LEU A 241 -1.49 -27.77 -9.27
C LEU A 241 -0.90 -27.85 -10.67
N ASP A 242 -1.69 -28.42 -11.59
CA ASP A 242 -1.35 -28.45 -13.00
C ASP A 242 -1.90 -27.22 -13.72
N ILE A 243 -3.20 -26.95 -13.53
CA ILE A 243 -3.83 -25.74 -14.04
C ILE A 243 -2.99 -24.51 -13.65
N THR A 244 -2.86 -23.58 -14.59
CA THR A 244 -2.03 -22.41 -14.38
C THR A 244 -2.68 -21.44 -13.38
N VAL A 245 -2.03 -21.27 -12.23
CA VAL A 245 -2.51 -20.34 -11.23
C VAL A 245 -1.97 -18.95 -11.60
N SER A 246 -2.86 -17.96 -11.62
CA SER A 246 -2.45 -16.58 -11.92
C SER A 246 -2.78 -15.59 -10.80
N ALA A 247 -1.93 -14.58 -10.64
CA ALA A 247 -2.10 -13.56 -9.60
C ALA A 247 -1.33 -12.35 -10.06
N GLY A 248 -1.45 -11.25 -9.32
CA GLY A 248 -0.65 -10.06 -9.61
C GLY A 248 -1.46 -8.78 -9.73
N GLU A 249 -2.77 -8.90 -9.86
CA GLU A 249 -3.62 -7.72 -9.99
C GLU A 249 -3.55 -6.86 -8.74
N GLN A 250 -3.27 -7.47 -7.59
CA GLN A 250 -3.12 -6.76 -6.32
C GLN A 250 -1.65 -6.75 -5.87
N THR A 251 -0.75 -6.70 -6.86
CA THR A 251 0.67 -6.52 -6.66
C THR A 251 1.02 -5.17 -7.29
N TYR A 252 1.72 -4.30 -6.57
CA TYR A 252 1.84 -2.90 -6.98
C TYR A 252 3.27 -2.38 -7.16
N THR A 253 4.26 -3.23 -6.97
CA THR A 253 5.62 -2.81 -7.21
C THR A 253 6.34 -3.89 -7.99
N LEU A 254 7.42 -3.49 -8.63
CA LEU A 254 8.26 -4.40 -9.40
C LEU A 254 8.85 -5.50 -8.52
N GLN A 255 9.29 -5.12 -7.32
CA GLN A 255 9.99 -6.03 -6.40
C GLN A 255 9.01 -7.05 -5.83
N ALA A 256 7.80 -6.59 -5.55
CA ALA A 256 6.75 -7.48 -5.10
C ALA A 256 6.35 -8.46 -6.22
N LEU A 257 6.40 -7.99 -7.47
CA LEU A 257 6.20 -8.87 -8.62
C LEU A 257 7.27 -9.97 -8.64
N LYS A 258 8.52 -9.59 -8.42
CA LYS A 258 9.61 -10.56 -8.34
C LYS A 258 9.36 -11.57 -7.20
N ASP A 259 8.93 -11.09 -6.04
CA ASP A 259 8.63 -12.00 -4.93
C ASP A 259 7.48 -12.97 -5.28
N LEU A 260 6.46 -12.46 -5.98
CA LEU A 260 5.33 -13.27 -6.44
C LEU A 260 5.84 -14.40 -7.33
N ILE A 261 6.74 -14.05 -8.26
CA ILE A 261 7.34 -15.04 -9.15
C ILE A 261 8.19 -16.08 -8.40
N LEU A 262 9.05 -15.61 -7.49
CA LEU A 262 9.88 -16.49 -6.67
C LEU A 262 9.03 -17.44 -5.83
N SER A 263 7.87 -16.97 -5.36
CA SER A 263 7.00 -17.84 -4.57
C SER A 263 6.48 -19.06 -5.33
N GLY A 264 6.36 -18.95 -6.66
CA GLY A 264 5.97 -20.12 -7.47
C GLY A 264 4.99 -19.82 -8.57
N VAL A 265 4.48 -18.60 -8.59
CA VAL A 265 3.51 -18.17 -9.62
C VAL A 265 4.15 -18.06 -11.00
N ARG A 266 3.48 -18.57 -12.03
CA ARG A 266 4.05 -18.58 -13.40
C ARG A 266 3.18 -17.81 -14.42
N MSE A 267 2.21 -17.06 -13.89
CA MSE A 267 1.36 -16.19 -14.70
C MSE A 267 1.02 -14.94 -13.89
O MSE A 267 0.33 -14.99 -12.89
CB MSE A 267 0.09 -16.93 -15.13
CG MSE A 267 -0.82 -16.14 -16.04
SE MSE A 267 -2.32 -17.16 -16.82
CE MSE A 267 -3.66 -15.73 -16.77
N VAL A 268 1.54 -13.80 -14.33
CA VAL A 268 1.41 -12.58 -13.51
C VAL A 268 0.58 -11.52 -14.23
N GLN A 269 -0.21 -10.79 -13.45
CA GLN A 269 -1.27 -9.94 -13.96
C GLN A 269 -1.30 -8.53 -13.35
N PRO A 270 -0.15 -7.82 -13.31
CA PRO A 270 -0.26 -6.45 -12.80
C PRO A 270 -1.14 -5.59 -13.71
N ASP A 271 -1.67 -4.49 -13.19
CA ASP A 271 -2.62 -3.65 -13.91
C ASP A 271 -2.02 -2.27 -14.10
N ILE A 272 -1.98 -1.83 -15.36
CA ILE A 272 -1.37 -0.56 -15.75
C ILE A 272 -1.92 0.70 -15.05
N VAL A 273 -3.18 0.67 -14.58
CA VAL A 273 -3.74 1.83 -13.86
C VAL A 273 -3.71 1.64 -12.34
N LYS A 274 -3.13 0.53 -11.89
CA LYS A 274 -2.95 0.29 -10.45
C LYS A 274 -1.51 0.59 -10.07
N MSE A 275 -0.62 0.47 -11.05
CA MSE A 275 0.82 0.59 -10.78
C MSE A 275 1.58 0.83 -12.07
O MSE A 275 1.18 0.37 -13.14
CB MSE A 275 1.36 -0.66 -10.07
CG MSE A 275 1.26 -1.96 -10.89
SE MSE A 275 2.84 -2.28 -12.02
CE MSE A 275 4.06 -2.90 -10.60
N GLY A 276 2.68 1.58 -11.95
CA GLY A 276 3.69 1.66 -13.00
C GLY A 276 3.35 2.48 -14.24
N GLY A 277 2.08 2.43 -14.65
CA GLY A 277 1.70 3.05 -15.92
C GLY A 277 2.46 2.33 -17.01
N ILE A 278 2.69 3.00 -18.12
CA ILE A 278 3.43 2.42 -19.23
C ILE A 278 4.89 2.08 -18.90
N THR A 279 5.62 3.02 -18.31
CA THR A 279 7.02 2.78 -17.90
C THR A 279 7.17 1.56 -17.00
N GLY A 280 6.36 1.51 -15.95
CA GLY A 280 6.43 0.41 -14.98
C GLY A 280 6.03 -0.94 -15.55
N MSE A 281 4.98 -0.97 -16.36
CA MSE A 281 4.53 -2.21 -16.98
C MSE A 281 5.55 -2.82 -17.93
O MSE A 281 5.68 -4.04 -17.99
CB MSE A 281 3.19 -2.03 -17.69
CG MSE A 281 2.03 -1.87 -16.73
SE MSE A 281 1.66 -3.44 -15.63
CE MSE A 281 0.61 -4.40 -16.95
N MSE A 282 6.27 -1.98 -18.66
CA MSE A 282 7.31 -2.46 -19.57
C MSE A 282 8.46 -3.10 -18.77
O MSE A 282 9.13 -4.01 -19.27
CB MSE A 282 7.83 -1.36 -20.49
CG MSE A 282 6.85 -0.90 -21.55
SE MSE A 282 6.28 -2.29 -22.82
CE MSE A 282 8.00 -2.64 -23.71
N GLN A 283 8.67 -2.63 -17.55
CA GLN A 283 9.66 -3.22 -16.66
C GLN A 283 9.15 -4.54 -16.12
N CYS A 284 7.86 -4.59 -15.80
CA CYS A 284 7.20 -5.81 -15.39
C CYS A 284 7.28 -6.88 -16.47
N ALA A 285 7.00 -6.47 -17.71
CA ALA A 285 7.07 -7.35 -18.87
C ALA A 285 8.47 -7.94 -19.01
N ALA A 286 9.48 -7.10 -18.83
CA ALA A 286 10.88 -7.53 -18.86
C ALA A 286 11.20 -8.53 -17.76
N LEU A 287 10.80 -8.24 -16.53
CA LEU A 287 10.96 -9.22 -15.43
C LEU A 287 10.24 -10.54 -15.73
N ALA A 288 9.06 -10.47 -16.34
CA ALA A 288 8.33 -11.67 -16.71
C ALA A 288 9.16 -12.48 -17.72
N HIS A 289 9.71 -11.78 -18.70
CA HIS A 289 10.52 -12.41 -19.72
C HIS A 289 11.85 -12.95 -19.17
N ALA A 290 12.45 -12.28 -18.18
CA ALA A 290 13.65 -12.79 -17.52
C ALA A 290 13.40 -14.13 -16.78
N HIS A 291 12.24 -14.26 -16.14
CA HIS A 291 11.93 -15.46 -15.33
C HIS A 291 11.11 -16.53 -16.05
N GLY A 292 10.73 -16.28 -17.30
CA GLY A 292 9.99 -17.24 -18.08
C GLY A 292 8.56 -17.42 -17.62
N VAL A 293 7.94 -16.37 -17.12
CA VAL A 293 6.56 -16.47 -16.71
C VAL A 293 5.64 -15.74 -17.70
N GLU A 294 4.39 -16.18 -17.79
CA GLU A 294 3.37 -15.52 -18.62
C GLU A 294 3.04 -14.13 -18.07
N PHE A 295 2.83 -13.18 -18.97
CA PHE A 295 2.51 -11.82 -18.62
C PHE A 295 1.13 -11.55 -19.20
N VAL A 296 0.14 -11.36 -18.33
CA VAL A 296 -1.28 -11.34 -18.71
C VAL A 296 -2.00 -10.31 -17.84
N PRO A 297 -1.87 -9.02 -18.19
CA PRO A 297 -2.28 -7.94 -17.29
C PRO A 297 -3.76 -7.95 -16.98
N HIS A 298 -4.07 -7.45 -15.78
CA HIS A 298 -5.44 -7.18 -15.36
C HIS A 298 -5.83 -5.81 -15.89
N GLN A 299 -7.05 -5.69 -16.38
CA GLN A 299 -7.58 -4.42 -16.87
C GLN A 299 -9.08 -4.46 -16.93
N THR A 300 -9.73 -3.51 -16.25
CA THR A 300 -11.18 -3.45 -16.23
C THR A 300 -11.76 -2.12 -16.73
N GLN A 301 -10.91 -1.17 -17.08
CA GLN A 301 -11.42 0.12 -17.57
C GLN A 301 -11.46 0.16 -19.08
N PRO A 302 -12.56 0.71 -19.67
CA PRO A 302 -12.78 0.67 -21.11
C PRO A 302 -12.11 1.78 -21.91
N GLY A 303 -11.68 2.85 -21.26
CA GLY A 303 -11.09 3.97 -21.97
C GLY A 303 -9.59 4.07 -21.80
N VAL A 304 -9.14 5.05 -21.04
CA VAL A 304 -7.72 5.38 -20.99
C VAL A 304 -6.87 4.16 -20.63
N GLY A 305 -7.28 3.47 -19.56
CA GLY A 305 -6.61 2.27 -19.10
C GLY A 305 -6.50 1.17 -20.14
N HIS A 306 -7.62 0.88 -20.82
CA HIS A 306 -7.63 -0.07 -21.94
C HIS A 306 -6.59 0.27 -23.02
N PHE A 307 -6.54 1.54 -23.40
CA PHE A 307 -5.64 1.99 -24.44
C PHE A 307 -4.18 1.85 -24.04
N ALA A 308 -3.85 2.23 -22.80
CA ALA A 308 -2.50 2.06 -22.28
C ALA A 308 -2.14 0.58 -22.28
N ASN A 309 -3.10 -0.25 -21.86
CA ASN A 309 -2.92 -1.67 -21.81
C ASN A 309 -2.59 -2.30 -23.18
N ILE A 310 -3.32 -1.92 -24.22
CA ILE A 310 -3.11 -2.55 -25.52
C ILE A 310 -1.82 -2.06 -26.23
N HIS A 311 -1.39 -0.83 -25.96
CA HIS A 311 -0.08 -0.38 -26.43
C HIS A 311 1.06 -1.26 -25.88
N VAL A 312 1.04 -1.54 -24.58
CA VAL A 312 2.06 -2.38 -23.94
C VAL A 312 2.01 -3.81 -24.50
N LEU A 313 0.79 -4.33 -24.62
CA LEU A 313 0.56 -5.71 -25.02
C LEU A 313 0.87 -5.95 -26.49
N SER A 314 0.78 -4.88 -27.30
CA SER A 314 1.19 -4.97 -28.69
C SER A 314 2.69 -5.27 -28.82
N THR A 315 3.47 -4.96 -27.79
CA THR A 315 4.94 -5.09 -27.82
C THR A 315 5.44 -6.37 -27.16
N LEU A 316 4.51 -7.17 -26.64
CA LEU A 316 4.86 -8.37 -25.91
C LEU A 316 5.04 -9.52 -26.87
N MSE A 317 6.25 -10.01 -26.99
CA MSE A 317 6.52 -11.06 -27.97
C MSE A 317 5.71 -12.32 -27.69
O MSE A 317 4.97 -12.79 -28.57
CB MSE A 317 7.99 -11.36 -28.04
CG MSE A 317 8.31 -12.49 -28.98
SE MSE A 317 10.22 -12.78 -29.08
CE MSE A 317 10.57 -13.04 -27.15
N HIS A 318 5.84 -12.86 -26.47
CA HIS A 318 5.19 -14.11 -26.09
C HIS A 318 3.89 -13.88 -25.33
N MSE A 319 2.99 -13.13 -25.93
CA MSE A 319 1.61 -13.04 -25.47
C MSE A 319 0.96 -14.43 -25.60
O MSE A 319 0.94 -15.03 -26.69
CB MSE A 319 0.84 -12.04 -26.31
CG MSE A 319 -0.42 -11.55 -25.68
SE MSE A 319 -1.35 -10.24 -26.79
CE MSE A 319 -2.24 -11.50 -28.00
N THR A 320 0.46 -14.94 -24.48
CA THR A 320 -0.19 -16.25 -24.47
C THR A 320 -1.71 -16.22 -24.23
N LYS A 321 -2.21 -15.14 -23.62
CA LYS A 321 -3.61 -15.02 -23.28
C LYS A 321 -4.17 -13.73 -23.84
N PRO A 322 -5.50 -13.65 -24.06
CA PRO A 322 -6.06 -12.47 -24.69
C PRO A 322 -6.11 -11.25 -23.79
N VAL A 323 -6.63 -10.16 -24.33
CA VAL A 323 -6.81 -8.93 -23.57
C VAL A 323 -8.10 -9.03 -22.75
N GLU A 324 -8.00 -8.71 -21.46
CA GLU A 324 -9.16 -8.73 -20.59
C GLU A 324 -10.21 -7.70 -20.99
N LEU A 325 -11.45 -8.16 -21.11
CA LEU A 325 -12.59 -7.29 -21.38
C LEU A 325 -13.64 -7.49 -20.30
N ALA A 326 -13.71 -6.53 -19.37
CA ALA A 326 -14.50 -6.68 -18.15
C ALA A 326 -15.96 -6.24 -18.31
N ASP A 327 -16.72 -6.39 -17.22
CA ASP A 327 -18.15 -6.08 -17.19
C ASP A 327 -18.46 -4.61 -17.47
N ARG A 328 -19.62 -4.39 -18.10
CA ARG A 328 -20.17 -3.06 -18.40
CA ARG A 328 -20.15 -3.05 -18.37
C ARG A 328 -19.18 -2.14 -19.11
N TRP A 329 -18.45 -2.69 -20.08
CA TRP A 329 -17.53 -1.89 -20.92
C TRP A 329 -18.26 -0.79 -21.72
N ASP A 330 -19.55 -0.98 -21.97
CA ASP A 330 -20.41 0.05 -22.57
C ASP A 330 -20.31 1.45 -21.90
N ARG A 331 -19.90 1.50 -20.64
CA ARG A 331 -19.81 2.77 -19.90
C ARG A 331 -18.69 3.70 -20.39
N GLY A 332 -17.88 3.23 -21.33
CA GLY A 332 -16.84 4.06 -21.96
C GLY A 332 -17.45 5.21 -22.75
N ARG A 333 -18.65 4.98 -23.28
CA ARG A 333 -19.44 6.01 -23.91
C ARG A 333 -20.36 6.62 -22.83
N PRO A 334 -20.62 7.95 -22.89
CA PRO A 334 -20.21 8.91 -23.91
C PRO A 334 -18.94 9.74 -23.64
N VAL A 335 -18.27 9.54 -22.51
CA VAL A 335 -17.07 10.33 -22.23
C VAL A 335 -16.02 10.15 -23.32
N PHE A 336 -15.95 8.94 -23.87
CA PHE A 336 -15.01 8.62 -24.94
C PHE A 336 -15.72 8.25 -26.22
N ARG A 337 -15.13 8.67 -27.34
CA ARG A 337 -15.70 8.44 -28.65
C ARG A 337 -15.28 7.11 -29.26
N ASN A 338 -14.11 6.61 -28.82
CA ASN A 338 -13.57 5.32 -29.30
C ASN A 338 -13.10 4.35 -28.19
N PRO A 339 -13.93 4.11 -27.15
CA PRO A 339 -13.47 3.21 -26.11
C PRO A 339 -13.44 1.72 -26.52
N ALA A 340 -13.04 0.84 -25.59
CA ALA A 340 -12.87 -0.56 -25.92
C ALA A 340 -14.14 -1.10 -26.57
N GLU A 341 -13.98 -1.82 -27.67
CA GLU A 341 -15.10 -2.41 -28.43
C GLU A 341 -14.56 -3.52 -29.33
N PRO A 342 -14.83 -4.79 -28.97
CA PRO A 342 -14.34 -5.91 -29.77
C PRO A 342 -15.06 -6.04 -31.12
N VAL A 343 -14.29 -6.19 -32.19
CA VAL A 343 -14.84 -6.57 -33.50
C VAL A 343 -14.15 -7.87 -33.90
N ASP A 344 -14.93 -8.83 -34.37
CA ASP A 344 -14.45 -10.19 -34.70
C ASP A 344 -13.54 -10.76 -33.58
N GLY A 345 -13.96 -10.53 -32.34
CA GLY A 345 -13.24 -10.99 -31.16
C GLY A 345 -11.91 -10.29 -30.88
N HIS A 346 -11.68 -9.16 -31.54
CA HIS A 346 -10.40 -8.46 -31.48
C HIS A 346 -10.51 -6.95 -31.21
N PHE A 347 -9.49 -6.43 -30.52
CA PHE A 347 -9.31 -4.99 -30.34
C PHE A 347 -8.33 -4.52 -31.40
N ALA A 348 -8.69 -3.46 -32.12
CA ALA A 348 -7.87 -2.96 -33.20
C ALA A 348 -7.04 -1.76 -32.74
N LEU A 349 -5.73 -1.97 -32.55
CA LEU A 349 -4.83 -0.89 -32.20
C LEU A 349 -4.57 0.03 -33.42
N GLY A 350 -4.79 1.33 -33.20
CA GLY A 350 -4.57 2.32 -34.27
C GLY A 350 -3.29 3.11 -34.05
N ASP A 351 -2.97 4.01 -34.98
CA ASP A 351 -1.69 4.69 -34.99
C ASP A 351 -1.73 6.20 -34.72
N ALA A 352 -2.73 6.68 -33.97
CA ALA A 352 -2.81 8.09 -33.57
C ALA A 352 -1.65 8.42 -32.62
N PRO A 353 -1.14 9.66 -32.68
CA PRO A 353 -0.09 10.03 -31.72
C PRO A 353 -0.55 9.82 -30.27
N GLY A 354 0.37 9.45 -29.39
CA GLY A 354 0.02 9.18 -27.99
C GLY A 354 -0.81 7.92 -27.79
N LEU A 355 -1.78 7.99 -26.89
CA LEU A 355 -2.70 6.88 -26.63
C LEU A 355 -3.61 6.60 -27.81
N GLY A 356 -4.04 7.66 -28.49
CA GLY A 356 -5.04 7.54 -29.53
C GLY A 356 -6.45 7.54 -28.98
N ILE A 357 -6.61 7.89 -27.71
CA ILE A 357 -7.94 7.96 -27.09
C ILE A 357 -8.57 9.31 -27.43
N VAL A 358 -9.84 9.30 -27.85
CA VAL A 358 -10.52 10.55 -28.13
C VAL A 358 -11.61 10.86 -27.13
N VAL A 359 -11.45 12.03 -26.51
CA VAL A 359 -12.32 12.47 -25.45
C VAL A 359 -13.32 13.48 -26.02
N ASP A 360 -14.56 13.36 -25.55
CA ASP A 360 -15.61 14.35 -25.83
C ASP A 360 -15.56 15.35 -24.68
N GLU A 361 -14.95 16.52 -24.92
CA GLU A 361 -14.77 17.52 -23.88
C GLU A 361 -16.12 18.00 -23.33
N ASP A 362 -17.12 18.05 -24.21
CA ASP A 362 -18.43 18.54 -23.86
C ASP A 362 -19.06 17.63 -22.82
N GLU A 363 -19.17 16.34 -23.13
CA GLU A 363 -19.67 15.35 -22.16
C GLU A 363 -18.81 15.37 -20.90
N LEU A 364 -17.49 15.35 -21.07
CA LEU A 364 -16.58 15.40 -19.94
C LEU A 364 -16.85 16.57 -19.00
N ALA A 365 -16.86 17.80 -19.52
CA ALA A 365 -17.11 18.97 -18.68
C ALA A 365 -18.38 18.83 -17.83
N SER A 366 -19.43 18.25 -18.40
CA SER A 366 -20.71 18.10 -17.70
C SER A 366 -20.67 16.93 -16.70
N ARG A 367 -19.68 16.06 -16.82
CA ARG A 367 -19.61 14.86 -15.99
C ARG A 367 -18.52 14.93 -14.91
N ALA A 368 -17.63 15.90 -15.04
CA ALA A 368 -16.39 15.95 -14.28
C ALA A 368 -16.42 16.85 -13.05
N THR A 369 -15.86 16.35 -11.96
CA THR A 369 -15.65 17.12 -10.76
C THR A 369 -14.15 17.17 -10.55
N GLU A 370 -13.56 18.35 -10.56
CA GLU A 370 -12.12 18.46 -10.24
C GLU A 370 -11.88 18.24 -8.77
N ILE A 371 -10.94 17.36 -8.46
CA ILE A 371 -10.46 17.20 -7.09
C ILE A 371 -9.27 18.15 -6.91
N THR A 372 -9.47 19.15 -6.05
CA THR A 372 -8.47 20.20 -5.83
C THR A 372 -8.01 20.19 -4.38
N VAL A 373 -7.00 21.00 -4.07
CA VAL A 373 -6.51 21.14 -2.71
C VAL A 373 -7.53 21.90 -1.83
N GLY A 374 -8.07 21.20 -0.82
CA GLY A 374 -9.01 21.78 0.14
C GLY A 374 -10.48 21.40 0.00
N ARG A 375 -10.76 20.37 -0.80
CA ARG A 375 -12.14 19.91 -1.01
C ARG A 375 -12.61 19.10 0.20
N SER B 2 -24.92 -2.01 25.67
CA SER B 2 -24.10 -1.97 24.42
C SER B 2 -23.85 -0.52 24.04
N LEU B 3 -22.60 -0.10 24.13
CA LEU B 3 -22.20 1.26 23.82
C LEU B 3 -22.06 1.44 22.33
N LYS B 4 -22.81 2.39 21.77
CA LYS B 4 -22.77 2.64 20.33
C LYS B 4 -21.90 3.84 19.98
N ILE B 5 -21.29 3.74 18.81
CA ILE B 5 -20.49 4.78 18.21
C ILE B 5 -21.44 5.82 17.62
N ALA B 6 -21.41 7.02 18.16
CA ALA B 6 -22.25 8.11 17.63
C ALA B 6 -21.55 8.84 16.49
N LYS B 7 -20.25 9.09 16.64
CA LYS B 7 -19.59 9.97 15.70
C LYS B 7 -18.13 9.60 15.50
N VAL B 8 -17.66 9.72 14.26
CA VAL B 8 -16.25 9.54 13.96
C VAL B 8 -15.72 10.79 13.23
N GLU B 9 -14.66 11.37 13.79
CA GLU B 9 -14.10 12.63 13.26
C GLU B 9 -12.67 12.45 12.83
N ALA B 10 -12.33 12.96 11.64
CA ALA B 10 -10.96 12.91 11.15
C ALA B 10 -10.35 14.31 11.23
N LEU B 11 -9.30 14.46 12.03
CA LEU B 11 -8.77 15.78 12.39
C LEU B 11 -7.30 15.97 12.04
N SER B 12 -7.04 17.00 11.24
CA SER B 12 -5.69 17.48 10.96
C SER B 12 -5.37 18.58 11.97
N VAL B 13 -4.26 18.40 12.70
CA VAL B 13 -3.95 19.25 13.85
C VAL B 13 -2.51 19.79 13.83
N ALA B 14 -2.40 21.11 13.84
CA ALA B 14 -1.11 21.79 13.98
C ALA B 14 -0.51 21.54 15.37
N MSE B 15 0.75 21.12 15.42
CA MSE B 15 1.41 20.73 16.68
C MSE B 15 2.57 21.67 17.07
O MSE B 15 3.28 22.17 16.22
CB MSE B 15 1.96 19.31 16.57
CG MSE B 15 0.89 18.24 16.30
SE MSE B 15 -0.19 17.84 17.88
CE MSE B 15 0.96 16.46 18.65
N GLY B 16 2.72 21.89 18.38
CA GLY B 16 3.87 22.62 18.96
C GLY B 16 4.25 23.97 18.37
N PRO B 23 4.57 21.58 11.44
CA PRO B 23 4.18 20.17 11.31
C PRO B 23 2.78 19.93 11.86
N THR B 24 2.13 18.89 11.34
CA THR B 24 0.75 18.60 11.70
C THR B 24 0.57 17.10 11.95
N SER B 25 -0.36 16.77 12.82
CA SER B 25 -0.67 15.39 13.09
C SER B 25 -2.06 15.04 12.61
N ALA B 26 -2.37 13.76 12.62
CA ALA B 26 -3.64 13.25 12.11
C ALA B 26 -4.29 12.38 13.17
N PHE B 27 -5.36 12.90 13.75
CA PHE B 27 -6.04 12.21 14.84
C PHE B 27 -7.44 11.80 14.41
N VAL B 28 -7.98 10.82 15.12
CA VAL B 28 -9.34 10.36 14.92
C VAL B 28 -9.98 10.41 16.29
N ARG B 29 -11.09 11.14 16.38
CA ARG B 29 -11.86 11.22 17.60
C ARG B 29 -13.17 10.48 17.42
N ILE B 30 -13.38 9.45 18.22
CA ILE B 30 -14.64 8.74 18.18
C ILE B 30 -15.43 9.03 19.44
N THR B 31 -16.63 9.56 19.25
CA THR B 31 -17.56 9.86 20.33
C THR B 31 -18.61 8.76 20.36
N ALA B 32 -18.74 8.09 21.51
CA ALA B 32 -19.83 7.14 21.73
C ALA B 32 -21.16 7.86 22.01
N GLU B 33 -22.26 7.12 22.00
CA GLU B 33 -23.61 7.68 22.23
C GLU B 33 -23.76 8.31 23.63
N ASP B 34 -22.95 7.84 24.59
CA ASP B 34 -23.00 8.36 25.97
C ASP B 34 -22.13 9.60 26.18
N GLY B 35 -21.43 10.01 25.13
CA GLY B 35 -20.62 11.23 25.17
C GLY B 35 -19.14 11.01 25.49
N THR B 36 -18.77 9.78 25.83
CA THR B 36 -17.38 9.49 26.11
C THR B 36 -16.61 9.51 24.79
N VAL B 37 -15.30 9.76 24.88
CA VAL B 37 -14.48 10.05 23.70
C VAL B 37 -13.23 9.16 23.63
N GLY B 38 -12.95 8.63 22.45
CA GLY B 38 -11.71 7.89 22.19
C GLY B 38 -10.84 8.55 21.13
N TRP B 39 -9.53 8.54 21.38
CA TRP B 39 -8.56 9.19 20.53
C TRP B 39 -7.69 8.19 19.76
N GLY B 40 -7.53 8.44 18.47
CA GLY B 40 -6.66 7.61 17.65
C GLY B 40 -5.69 8.47 16.88
N GLU B 41 -4.62 7.85 16.39
CA GLU B 41 -3.62 8.56 15.57
C GLU B 41 -3.24 7.75 14.34
N ALA B 42 -3.14 8.42 13.20
CA ALA B 42 -2.63 7.83 11.97
C ALA B 42 -1.27 8.46 11.69
N SER B 43 -0.33 7.66 11.18
CA SER B 43 0.99 8.17 10.81
C SER B 43 0.84 9.38 9.89
N PRO B 44 1.38 10.55 10.33
CA PRO B 44 1.13 11.78 9.58
C PRO B 44 2.06 11.93 8.36
N MSE B 45 2.07 10.92 7.51
CA MSE B 45 2.85 10.92 6.28
C MSE B 45 2.26 11.92 5.31
O MSE B 45 1.08 11.79 4.90
CB MSE B 45 2.94 9.54 5.66
CG MSE B 45 3.52 8.49 6.59
SE MSE B 45 5.33 8.89 7.26
CE MSE B 45 5.02 9.97 8.88
N LEU B 46 3.07 12.92 4.95
CA LEU B 46 2.61 14.09 4.25
C LEU B 46 1.35 14.65 4.93
N GLY B 47 1.40 14.70 6.27
CA GLY B 47 0.32 15.22 7.09
C GLY B 47 -0.77 14.22 7.49
N GLY B 48 -0.74 13.03 6.90
CA GLY B 48 -1.80 12.06 7.15
C GLY B 48 -3.11 12.42 6.49
N ILE B 49 -3.09 13.43 5.60
CA ILE B 49 -4.30 13.93 4.95
C ILE B 49 -5.05 12.83 4.19
N ALA B 50 -4.31 11.98 3.49
CA ALA B 50 -4.91 10.89 2.74
C ALA B 50 -5.60 9.88 3.65
N SER B 51 -4.95 9.50 4.75
CA SER B 51 -5.55 8.58 5.73
C SER B 51 -6.82 9.20 6.35
N LEU B 52 -6.74 10.49 6.68
CA LEU B 52 -7.89 11.23 7.20
C LEU B 52 -9.10 11.21 6.24
N GLY B 53 -8.85 11.47 4.96
CA GLY B 53 -9.92 11.39 3.96
C GLY B 53 -10.58 10.03 3.93
N VAL B 54 -9.75 8.99 3.98
CA VAL B 54 -10.22 7.60 3.99
C VAL B 54 -11.11 7.31 5.21
N VAL B 55 -10.66 7.75 6.40
CA VAL B 55 -11.49 7.70 7.60
C VAL B 55 -12.82 8.42 7.35
N ALA B 56 -12.76 9.62 6.77
CA ALA B 56 -13.94 10.45 6.62
C ALA B 56 -14.93 9.89 5.62
N ARG B 57 -14.41 9.38 4.49
CA ARG B 57 -15.26 8.92 3.38
C ARG B 57 -15.73 7.47 3.54
N ASP B 58 -14.89 6.61 4.09
CA ASP B 58 -15.10 5.16 4.02
C ASP B 58 -15.34 4.49 5.37
N ILE B 59 -14.52 4.84 6.35
CA ILE B 59 -14.59 4.21 7.66
C ILE B 59 -15.71 4.77 8.54
N ALA B 60 -15.79 6.09 8.64
CA ALA B 60 -16.79 6.76 9.49
C ALA B 60 -18.25 6.37 9.24
N PRO B 61 -18.72 6.40 7.98
CA PRO B 61 -20.12 6.02 7.75
C PRO B 61 -20.42 4.57 8.12
N PHE B 62 -19.41 3.71 8.06
CA PHE B 62 -19.57 2.31 8.43
C PHE B 62 -19.60 2.10 9.93
N LEU B 63 -18.72 2.81 10.65
CA LEU B 63 -18.61 2.60 12.09
C LEU B 63 -19.75 3.26 12.89
N GLU B 64 -20.28 4.36 12.38
CA GLU B 64 -21.35 5.06 13.07
C GLU B 64 -22.63 4.23 13.11
N GLY B 65 -23.11 4.01 14.32
CA GLY B 65 -24.31 3.20 14.56
C GLY B 65 -23.93 1.83 15.08
N GLN B 66 -22.63 1.49 14.97
CA GLN B 66 -22.13 0.18 15.40
C GLN B 66 -21.60 0.21 16.84
N GLU B 67 -21.24 -0.97 17.36
CA GLU B 67 -20.92 -1.14 18.79
C GLU B 67 -19.41 -1.18 19.03
N VAL B 68 -18.94 -0.37 19.98
CA VAL B 68 -17.53 -0.24 20.35
C VAL B 68 -16.84 -1.59 20.52
N LEU B 69 -17.48 -2.49 21.27
CA LEU B 69 -16.88 -3.81 21.55
C LEU B 69 -16.75 -4.75 20.34
N ASP B 70 -17.41 -4.41 19.23
CA ASP B 70 -17.18 -5.16 17.99
C ASP B 70 -15.94 -4.68 17.22
N HIS B 71 -15.03 -3.95 17.87
CA HIS B 71 -13.91 -3.29 17.17
C HIS B 71 -13.09 -4.17 16.21
N ALA B 72 -12.73 -5.38 16.62
CA ALA B 72 -11.90 -6.25 15.78
C ALA B 72 -12.64 -6.70 14.52
N VAL B 73 -13.88 -7.14 14.67
CA VAL B 73 -14.70 -7.59 13.56
C VAL B 73 -15.00 -6.42 12.64
N LEU B 74 -15.31 -5.26 13.23
CA LEU B 74 -15.67 -4.09 12.45
C LEU B 74 -14.52 -3.65 11.55
N LEU B 75 -13.30 -3.64 12.11
CA LEU B 75 -12.13 -3.12 11.40
C LEU B 75 -11.51 -4.11 10.41
N ASP B 76 -11.44 -5.37 10.79
CA ASP B 76 -11.10 -6.42 9.82
C ASP B 76 -12.05 -6.44 8.62
N ARG B 77 -13.34 -6.20 8.87
CA ARG B 77 -14.26 -6.18 7.76
C ARG B 77 -13.99 -4.93 6.90
N MSE B 78 -13.76 -3.80 7.57
CA MSE B 78 -13.37 -2.55 6.92
C MSE B 78 -12.10 -2.71 6.07
O MSE B 78 -12.05 -2.20 4.95
CB MSE B 78 -13.19 -1.44 7.94
CG MSE B 78 -13.47 -0.07 7.37
SE MSE B 78 -15.23 0.01 6.48
CE MSE B 78 -14.65 0.98 4.90
N MSE B 79 -11.11 -3.42 6.59
CA MSE B 79 -9.90 -3.63 5.81
C MSE B 79 -10.16 -4.43 4.53
O MSE B 79 -9.61 -4.10 3.48
CB MSE B 79 -8.74 -4.19 6.63
CG MSE B 79 -7.39 -4.18 5.89
SE MSE B 79 -6.92 -6.02 5.46
CE MSE B 79 -7.70 -6.32 3.73
N HIS B 80 -10.99 -5.47 4.60
CA HIS B 80 -11.33 -6.25 3.40
C HIS B 80 -12.17 -5.48 2.40
N ARG B 81 -12.81 -4.42 2.89
CA ARG B 81 -13.57 -3.50 2.04
C ARG B 81 -12.64 -2.46 1.38
N LEU B 82 -11.57 -2.10 2.09
CA LEU B 82 -10.57 -1.14 1.63
C LEU B 82 -9.34 -1.77 0.98
N VAL B 83 -9.35 -3.09 0.83
CA VAL B 83 -8.15 -3.83 0.43
C VAL B 83 -7.56 -3.36 -0.93
N LYS B 84 -8.43 -2.93 -1.85
CA LYS B 84 -7.97 -2.49 -3.16
C LYS B 84 -7.39 -1.08 -3.07
N LEU B 85 -7.50 -0.44 -1.91
CA LEU B 85 -6.78 0.80 -1.65
C LEU B 85 -5.29 0.57 -1.29
N GLY B 86 -4.86 -0.69 -1.34
CA GLY B 86 -3.50 -1.07 -0.96
C GLY B 86 -3.48 -2.45 -0.31
N PRO B 87 -3.79 -2.52 1.00
CA PRO B 87 -4.22 -1.40 1.83
C PRO B 87 -3.05 -0.67 2.49
N GLU B 88 -1.82 -1.10 2.21
CA GLU B 88 -0.71 -0.66 3.04
C GLU B 88 -0.42 0.82 3.00
N GLY B 89 0.05 1.34 4.12
CA GLY B 89 0.36 2.76 4.24
C GLY B 89 -0.88 3.57 4.59
N ILE B 90 -1.51 4.16 3.57
CA ILE B 90 -2.63 5.09 3.80
C ILE B 90 -3.82 4.39 4.46
N ALA B 91 -4.20 3.21 3.97
CA ALA B 91 -5.38 2.56 4.53
C ALA B 91 -5.08 1.94 5.88
N THR B 92 -3.90 1.36 6.03
CA THR B 92 -3.60 0.71 7.29
C THR B 92 -3.38 1.72 8.42
N ALA B 93 -2.96 2.94 8.10
CA ALA B 93 -2.82 3.99 9.13
C ALA B 93 -4.21 4.49 9.53
N ALA B 94 -5.09 4.62 8.54
CA ALA B 94 -6.48 5.00 8.78
C ALA B 94 -7.16 3.98 9.68
N LEU B 95 -7.00 2.70 9.36
CA LEU B 95 -7.53 1.63 10.21
C LEU B 95 -6.88 1.60 11.59
N ALA B 96 -5.55 1.71 11.65
CA ALA B 96 -4.81 1.73 12.93
C ALA B 96 -5.34 2.80 13.88
N ALA B 97 -5.57 4.00 13.33
CA ALA B 97 -6.06 5.16 14.07
C ALA B 97 -7.42 4.90 14.70
N CYS B 98 -8.31 4.27 13.92
CA CYS B 98 -9.64 3.93 14.38
C CYS B 98 -9.56 2.82 15.41
N ASP B 99 -8.68 1.84 15.20
CA ASP B 99 -8.49 0.80 16.19
C ASP B 99 -8.12 1.40 17.55
N ILE B 100 -7.13 2.30 17.57
CA ILE B 100 -6.65 2.94 18.81
C ILE B 100 -7.75 3.75 19.50
N ALA B 101 -8.52 4.53 18.72
CA ALA B 101 -9.66 5.28 19.27
C ALA B 101 -10.72 4.36 19.92
N LEU B 102 -10.96 3.19 19.33
CA LEU B 102 -11.94 2.24 19.88
C LEU B 102 -11.42 1.56 21.13
N TRP B 103 -10.12 1.33 21.19
CA TRP B 103 -9.53 0.75 22.40
C TRP B 103 -9.59 1.75 23.55
N ASP B 104 -9.37 3.03 23.23
CA ASP B 104 -9.46 4.10 24.22
C ASP B 104 -10.87 4.14 24.81
N LEU B 105 -11.86 4.09 23.93
CA LEU B 105 -13.27 4.05 24.28
C LEU B 105 -13.60 2.79 25.08
N LYS B 106 -13.02 1.67 24.67
CA LYS B 106 -13.23 0.40 25.35
C LYS B 106 -12.71 0.47 26.79
N GLY B 107 -11.53 1.05 26.97
CA GLY B 107 -10.93 1.17 28.30
C GLY B 107 -11.74 2.04 29.25
N LYS B 108 -12.31 3.11 28.71
CA LYS B 108 -13.14 4.03 29.49
C LYS B 108 -14.48 3.39 29.88
N LEU B 109 -15.09 2.66 28.93
CA LEU B 109 -16.35 1.97 29.15
C LEU B 109 -16.21 0.90 30.23
N LEU B 110 -15.04 0.26 30.28
CA LEU B 110 -14.82 -0.85 31.20
C LEU B 110 -14.10 -0.43 32.49
N GLY B 111 -13.61 0.80 32.53
CA GLY B 111 -12.96 1.35 33.72
C GLY B 111 -11.55 0.83 33.95
N GLN B 112 -10.85 0.52 32.86
CA GLN B 112 -9.55 -0.09 32.96
C GLN B 112 -8.54 0.51 31.98
N PRO B 113 -7.30 0.68 32.46
CA PRO B 113 -6.21 1.06 31.54
C PRO B 113 -6.06 -0.01 30.48
N ILE B 114 -5.59 0.34 29.29
CA ILE B 114 -5.51 -0.65 28.20
C ILE B 114 -4.69 -1.90 28.58
N TYR B 115 -3.52 -1.74 29.19
CA TYR B 115 -2.70 -2.91 29.51
C TYR B 115 -3.42 -3.88 30.46
N LYS B 116 -4.36 -3.35 31.24
CA LYS B 116 -5.21 -4.19 32.09
C LYS B 116 -6.27 -4.99 31.30
N LEU B 117 -6.53 -4.60 30.06
CA LEU B 117 -7.47 -5.32 29.22
C LEU B 117 -6.72 -6.35 28.41
N LEU B 118 -5.41 -6.17 28.32
CA LEU B 118 -4.54 -7.02 27.52
C LEU B 118 -3.82 -8.12 28.31
N GLY B 119 -4.12 -8.22 29.59
CA GLY B 119 -3.61 -9.32 30.40
C GLY B 119 -2.48 -8.97 31.36
N GLY B 120 -2.18 -7.68 31.52
CA GLY B 120 -1.20 -7.26 32.50
C GLY B 120 0.08 -6.65 31.94
N ALA B 121 0.74 -5.82 32.75
CA ALA B 121 2.03 -5.25 32.38
C ALA B 121 3.11 -6.01 33.11
N TRP B 122 4.18 -6.32 32.38
CA TRP B 122 5.43 -6.77 32.97
C TRP B 122 6.13 -5.61 33.69
N ARG B 123 5.87 -4.40 33.22
CA ARG B 123 6.48 -3.20 33.81
C ARG B 123 5.65 -1.96 33.49
N THR B 124 5.73 -0.95 34.35
CA THR B 124 5.02 0.31 34.13
C THR B 124 6.01 1.47 34.04
N ARG B 125 7.28 1.11 34.01
CA ARG B 125 8.37 2.05 33.79
C ARG B 125 9.20 1.46 32.67
N LEU B 126 9.24 2.18 31.56
CA LEU B 126 9.85 1.62 30.36
C LEU B 126 11.00 2.50 29.93
N PRO B 127 12.18 1.90 29.75
CA PRO B 127 13.37 2.67 29.34
C PRO B 127 13.15 3.31 27.98
N CYS B 128 13.70 4.50 27.77
CA CYS B 128 13.65 5.11 26.44
C CYS B 128 14.99 5.01 25.73
N TYR B 129 14.97 5.19 24.41
CA TYR B 129 16.20 5.43 23.67
C TYR B 129 16.03 6.65 22.80
N SER B 130 17.07 7.48 22.73
CA SER B 130 17.03 8.72 21.97
C SER B 130 17.21 8.41 20.50
N SER B 131 16.18 8.68 19.72
CA SER B 131 16.24 8.42 18.28
C SER B 131 16.48 9.77 17.57
N ILE B 132 17.66 9.90 16.97
CA ILE B 132 18.16 11.20 16.48
C ILE B 132 18.35 11.19 14.97
N GLY B 133 17.47 11.88 14.26
CA GLY B 133 17.52 11.93 12.80
C GLY B 133 18.36 13.05 12.18
N GLY B 134 18.36 13.08 10.84
CA GLY B 134 18.95 14.19 10.08
C GLY B 134 20.47 14.19 10.00
N ASN B 135 21.08 13.03 10.16
CA ASN B 135 22.54 12.96 10.22
C ASN B 135 23.25 12.89 8.88
N ALA B 136 22.54 12.58 7.81
CA ALA B 136 23.11 12.65 6.46
C ALA B 136 23.56 14.08 6.11
N ALA B 137 22.81 15.08 6.57
CA ALA B 137 23.03 16.48 6.22
C ALA B 137 23.98 17.21 7.17
N ARG B 138 24.36 16.56 8.27
CA ARG B 138 25.20 17.20 9.27
C ARG B 138 26.68 16.92 9.03
N SER B 139 27.55 17.82 9.50
CA SER B 139 28.98 17.52 9.62
C SER B 139 29.19 16.56 10.79
N VAL B 140 30.38 15.98 10.89
CA VAL B 140 30.73 15.13 12.04
C VAL B 140 30.42 15.85 13.36
N ASP B 141 30.86 17.10 13.48
CA ASP B 141 30.73 17.85 14.72
C ASP B 141 29.27 18.17 15.10
N GLU B 142 28.41 18.36 14.11
CA GLU B 142 27.00 18.66 14.37
C GLU B 142 26.27 17.42 14.86
N VAL B 143 26.66 16.27 14.31
CA VAL B 143 26.16 14.96 14.74
C VAL B 143 26.52 14.74 16.22
N VAL B 144 27.79 14.90 16.56
CA VAL B 144 28.23 14.79 17.96
C VAL B 144 27.48 15.76 18.89
N ARG B 145 27.32 17.00 18.46
CA ARG B 145 26.67 18.02 19.27
C ARG B 145 25.23 17.62 19.60
N GLU B 146 24.51 17.16 18.58
CA GLU B 146 23.11 16.81 18.72
C GLU B 146 22.95 15.58 19.60
N VAL B 147 23.81 14.59 19.43
CA VAL B 147 23.78 13.42 20.30
C VAL B 147 24.01 13.82 21.77
N ALA B 148 25.05 14.62 22.03
CA ALA B 148 25.35 15.05 23.41
C ALA B 148 24.21 15.86 24.00
N ARG B 149 23.62 16.73 23.19
CA ARG B 149 22.51 17.57 23.65
C ARG B 149 21.31 16.74 24.08
N ARG B 150 20.97 15.72 23.29
CA ARG B 150 19.82 14.87 23.62
C ARG B 150 20.09 13.85 24.72
N VAL B 151 21.32 13.35 24.79
CA VAL B 151 21.71 12.40 25.83
C VAL B 151 21.68 13.06 27.22
N GLU B 152 22.13 14.31 27.30
CA GLU B 152 22.07 15.08 28.55
C GLU B 152 20.64 15.29 29.01
N ALA B 153 19.75 15.64 28.08
CA ALA B 153 18.35 15.89 28.41
C ALA B 153 17.51 14.63 28.69
N GLU B 154 17.87 13.50 28.10
CA GLU B 154 16.97 12.33 28.13
C GLU B 154 17.46 11.14 29.00
N GLN B 155 18.75 11.13 29.35
CA GLN B 155 19.37 10.00 30.05
C GLN B 155 18.93 8.64 29.47
N PRO B 156 19.04 8.47 28.13
CA PRO B 156 18.48 7.26 27.49
C PRO B 156 19.29 5.98 27.78
N ALA B 157 18.64 4.82 27.65
CA ALA B 157 19.31 3.53 27.81
C ALA B 157 20.07 3.10 26.54
N ALA B 158 19.79 3.80 25.44
CA ALA B 158 20.47 3.60 24.17
C ALA B 158 20.26 4.84 23.31
N VAL B 159 21.02 4.91 22.22
CA VAL B 159 20.99 6.02 21.28
C VAL B 159 20.94 5.43 19.88
N LYS B 160 20.09 5.99 19.03
CA LYS B 160 20.08 5.60 17.63
C LYS B 160 20.24 6.85 16.79
N ILE B 161 21.25 6.82 15.91
CA ILE B 161 21.48 7.90 14.96
C ILE B 161 20.92 7.49 13.59
N ARG B 162 20.00 8.29 13.09
CA ARG B 162 19.31 7.98 11.82
C ARG B 162 19.80 8.92 10.75
N TRP B 163 19.81 8.46 9.50
CA TRP B 163 20.37 9.27 8.41
C TRP B 163 19.35 10.18 7.71
N ASP B 164 18.11 9.70 7.57
CA ASP B 164 17.04 10.35 6.79
C ASP B 164 17.52 10.94 5.46
N GLY B 165 18.27 10.17 4.68
CA GLY B 165 18.81 10.66 3.41
C GLY B 165 17.79 10.59 2.28
N ASP B 166 18.24 10.97 1.08
CA ASP B 166 17.40 10.97 -0.13
C ASP B 166 17.40 9.56 -0.72
N ARG B 167 16.25 8.90 -0.66
CA ARG B 167 16.11 7.53 -1.13
C ARG B 167 16.25 7.32 -2.64
N THR B 168 16.34 8.40 -3.43
CA THR B 168 16.61 8.25 -4.85
C THR B 168 18.11 8.04 -5.11
N ARG B 169 18.90 8.11 -4.04
CA ARG B 169 20.33 8.00 -4.14
C ARG B 169 20.77 6.84 -3.27
N CYS B 170 21.81 6.14 -3.73
CA CYS B 170 22.31 4.95 -3.04
C CYS B 170 23.81 5.05 -2.75
N ASP B 171 24.26 4.57 -1.59
CA ASP B 171 25.70 4.60 -1.23
C ASP B 171 26.35 5.97 -1.41
N VAL B 172 25.70 7.01 -0.89
CA VAL B 172 26.16 8.37 -1.13
C VAL B 172 27.53 8.69 -0.52
N ASP B 173 27.69 8.38 0.77
CA ASP B 173 28.91 8.73 1.50
C ASP B 173 29.26 7.71 2.58
N ILE B 174 29.66 6.52 2.14
CA ILE B 174 29.97 5.44 3.08
C ILE B 174 31.10 5.82 4.05
N PRO B 175 32.26 6.32 3.54
CA PRO B 175 33.30 6.70 4.50
C PRO B 175 32.86 7.79 5.49
N GLY B 176 32.04 8.73 5.04
CA GLY B 176 31.50 9.77 5.90
C GLY B 176 30.52 9.27 6.95
N ASP B 177 29.66 8.33 6.57
CA ASP B 177 28.72 7.72 7.51
C ASP B 177 29.46 6.95 8.59
N ILE B 178 30.53 6.27 8.21
CA ILE B 178 31.32 5.47 9.14
C ILE B 178 32.06 6.40 10.12
N ALA B 179 32.54 7.51 9.59
CA ALA B 179 33.23 8.53 10.40
C ALA B 179 32.27 9.11 11.43
N LYS B 180 31.03 9.36 11.03
CA LYS B 180 30.01 9.79 11.99
C LYS B 180 29.72 8.75 13.10
N ALA B 181 29.60 7.48 12.73
CA ALA B 181 29.36 6.40 13.70
C ALA B 181 30.54 6.25 14.67
N ARG B 182 31.76 6.42 14.15
CA ARG B 182 32.97 6.37 14.98
C ARG B 182 32.95 7.49 16.02
N ALA B 183 32.68 8.70 15.58
CA ALA B 183 32.69 9.85 16.47
C ALA B 183 31.61 9.80 17.56
N VAL B 184 30.49 9.15 17.26
CA VAL B 184 29.42 8.99 18.25
C VAL B 184 29.81 7.92 19.27
N ARG B 185 30.48 6.85 18.80
CA ARG B 185 31.06 5.85 19.71
C ARG B 185 32.09 6.51 20.62
N GLU B 186 33.01 7.30 20.07
CA GLU B 186 33.98 8.00 20.92
C GLU B 186 33.31 8.91 21.93
N LEU B 187 32.25 9.61 21.52
CA LEU B 187 31.52 10.49 22.44
C LEU B 187 30.86 9.73 23.59
N LEU B 188 30.19 8.62 23.28
CA LEU B 188 29.36 7.90 24.24
C LEU B 188 30.11 6.91 25.16
N GLY B 189 31.35 6.61 24.82
CA GLY B 189 32.11 5.58 25.53
C GLY B 189 31.80 4.16 25.06
N PRO B 190 32.65 3.19 25.41
CA PRO B 190 32.65 1.83 24.87
C PRO B 190 31.48 0.93 25.28
N ASP B 191 30.75 1.32 26.33
CA ASP B 191 29.67 0.50 26.87
C ASP B 191 28.29 0.95 26.44
N ALA B 192 28.22 2.18 25.93
CA ALA B 192 26.99 2.74 25.37
C ALA B 192 26.35 1.83 24.33
N VAL B 193 25.03 1.71 24.40
CA VAL B 193 24.25 0.92 23.45
C VAL B 193 23.90 1.83 22.27
N ILE B 194 24.43 1.52 21.09
CA ILE B 194 24.21 2.40 19.95
C ILE B 194 23.65 1.67 18.75
N GLY B 195 22.64 2.28 18.13
CA GLY B 195 21.96 1.75 16.95
C GLY B 195 22.23 2.71 15.80
N PHE B 196 22.12 2.21 14.57
CA PHE B 196 22.44 2.99 13.39
C PHE B 196 21.34 2.78 12.36
N ASP B 197 20.68 3.86 12.00
CA ASP B 197 19.58 3.77 11.07
C ASP B 197 20.00 4.34 9.73
N ALA B 198 20.16 3.44 8.77
CA ALA B 198 20.61 3.77 7.43
C ALA B 198 19.52 4.45 6.61
N ASN B 199 18.27 4.39 7.11
CA ASN B 199 17.07 4.82 6.34
C ASN B 199 17.15 4.46 4.85
N ASN B 200 17.45 3.20 4.57
CA ASN B 200 17.43 2.65 3.20
C ASN B 200 18.56 3.16 2.32
N GLY B 201 19.67 3.59 2.92
CA GLY B 201 20.73 4.30 2.18
C GLY B 201 21.68 3.47 1.33
N TYR B 202 21.65 2.16 1.49
CA TYR B 202 22.69 1.33 0.90
C TYR B 202 22.26 0.18 0.00
N SER B 203 23.14 -0.13 -0.94
CA SER B 203 23.09 -1.39 -1.68
C SER B 203 23.51 -2.57 -0.74
N VAL B 204 23.27 -3.80 -1.19
CA VAL B 204 23.67 -4.98 -0.42
C VAL B 204 25.15 -4.90 -0.03
N GLY B 205 25.99 -4.63 -1.04
CA GLY B 205 27.42 -4.54 -0.81
C GLY B 205 27.78 -3.38 0.10
N GLY B 206 27.03 -2.29 -0.02
CA GLY B 206 27.29 -1.12 0.80
C GLY B 206 26.86 -1.34 2.23
N ALA B 207 25.70 -1.98 2.39
CA ALA B 207 25.19 -2.32 3.72
C ALA B 207 26.16 -3.25 4.47
N ILE B 208 26.72 -4.23 3.75
CA ILE B 208 27.68 -5.16 4.35
C ILE B 208 28.95 -4.41 4.75
N ARG B 209 29.41 -3.51 3.91
CA ARG B 209 30.60 -2.72 4.22
C ARG B 209 30.40 -1.88 5.49
N VAL B 210 29.24 -1.22 5.58
CA VAL B 210 28.94 -0.38 6.72
C VAL B 210 28.77 -1.25 7.96
N GLY B 211 27.99 -2.33 7.83
CA GLY B 211 27.71 -3.22 8.96
C GLY B 211 28.97 -3.73 9.66
N ARG B 212 29.98 -4.11 8.86
CA ARG B 212 31.24 -4.60 9.40
C ARG B 212 31.95 -3.50 10.20
N ALA B 213 31.89 -2.27 9.71
CA ALA B 213 32.49 -1.14 10.43
C ALA B 213 31.69 -0.85 11.70
N LEU B 214 30.36 -1.00 11.62
CA LEU B 214 29.53 -0.86 12.82
C LEU B 214 29.84 -1.98 13.80
N GLU B 215 30.13 -3.18 13.29
CA GLU B 215 30.53 -4.30 14.15
C GLU B 215 31.84 -4.03 14.88
N ASP B 216 32.81 -3.45 14.17
CA ASP B 216 34.06 -3.02 14.75
C ASP B 216 33.89 -1.96 15.85
N LEU B 217 32.83 -1.15 15.75
CA LEU B 217 32.57 -0.06 16.71
C LEU B 217 31.58 -0.47 17.79
N GLY B 218 31.18 -1.74 17.79
CA GLY B 218 30.37 -2.32 18.87
C GLY B 218 28.90 -1.98 18.86
N TYR B 219 28.40 -1.53 17.71
CA TYR B 219 27.00 -1.14 17.59
C TYR B 219 26.05 -2.31 17.82
N SER B 220 24.88 -2.01 18.37
CA SER B 220 23.94 -3.05 18.76
C SER B 220 23.03 -3.45 17.62
N TRP B 221 22.50 -2.47 16.89
CA TRP B 221 21.67 -2.79 15.73
C TRP B 221 21.84 -1.84 14.55
N PHE B 222 21.39 -2.32 13.40
CA PHE B 222 21.60 -1.70 12.09
C PHE B 222 20.23 -1.73 11.39
N GLU B 223 19.60 -0.57 11.32
CA GLU B 223 18.21 -0.45 10.97
C GLU B 223 18.04 -0.02 9.53
N GLU B 224 17.21 -0.80 8.82
CA GLU B 224 16.88 -0.58 7.39
C GLU B 224 18.07 -0.22 6.48
N PRO B 225 19.06 -1.12 6.38
CA PRO B 225 20.23 -0.81 5.56
C PRO B 225 19.93 -0.65 4.07
N VAL B 226 18.96 -1.40 3.54
CA VAL B 226 18.64 -1.36 2.12
C VAL B 226 17.23 -0.82 1.90
N GLN B 227 16.87 -0.57 0.64
CA GLN B 227 15.49 -0.14 0.32
C GLN B 227 14.49 -1.15 0.90
N HIS B 228 13.43 -0.65 1.54
CA HIS B 228 12.44 -1.52 2.20
C HIS B 228 11.75 -2.47 1.23
N TYR B 229 11.72 -2.11 -0.06
CA TYR B 229 11.10 -2.95 -1.07
C TYR B 229 11.99 -4.10 -1.54
N HIS B 230 13.25 -4.13 -1.12
CA HIS B 230 14.12 -5.28 -1.36
C HIS B 230 14.12 -6.19 -0.12
N VAL B 231 13.00 -6.89 0.10
CA VAL B 231 12.82 -7.75 1.28
C VAL B 231 13.85 -8.88 1.26
N GLY B 232 14.02 -9.53 0.10
CA GLY B 232 15.05 -10.55 -0.09
C GLY B 232 16.41 -10.07 0.38
N ALA B 233 16.85 -8.95 -0.18
CA ALA B 233 18.13 -8.33 0.21
C ALA B 233 18.22 -7.94 1.69
N MSE B 234 17.12 -7.44 2.25
CA MSE B 234 17.07 -7.08 3.67
C MSE B 234 17.43 -8.28 4.56
O MSE B 234 18.26 -8.17 5.47
CB MSE B 234 15.70 -6.52 4.03
CG MSE B 234 15.64 -5.92 5.44
SE MSE B 234 16.40 -4.10 5.57
CE MSE B 234 14.96 -3.12 4.61
N GLY B 235 16.78 -9.41 4.28
CA GLY B 235 17.01 -10.63 5.03
C GLY B 235 18.36 -11.25 4.77
N GLU B 236 18.85 -11.12 3.53
CA GLU B 236 20.19 -11.60 3.18
C GLU B 236 21.28 -10.87 3.98
N VAL B 237 21.16 -9.54 4.04
CA VAL B 237 22.08 -8.71 4.81
C VAL B 237 21.95 -9.10 6.29
N ALA B 238 20.71 -9.28 6.74
CA ALA B 238 20.46 -9.71 8.10
C ALA B 238 21.24 -10.97 8.46
N GLN B 239 21.17 -12.00 7.60
CA GLN B 239 21.82 -13.29 7.82
C GLN B 239 23.34 -13.29 7.58
N ARG B 240 23.82 -12.34 6.77
CA ARG B 240 25.24 -12.25 6.48
C ARG B 240 26.05 -11.56 7.58
N LEU B 241 25.41 -10.63 8.28
CA LEU B 241 26.06 -9.80 9.30
C LEU B 241 25.91 -10.37 10.71
N ASP B 242 26.83 -10.01 11.60
CA ASP B 242 26.67 -10.35 13.02
C ASP B 242 25.80 -9.30 13.71
N ILE B 243 26.04 -8.02 13.41
CA ILE B 243 25.20 -6.94 13.94
C ILE B 243 23.77 -7.20 13.51
N THR B 244 22.81 -6.93 14.41
CA THR B 244 21.42 -7.24 14.20
C THR B 244 20.82 -6.27 13.20
N VAL B 245 20.39 -6.78 12.06
CA VAL B 245 19.70 -5.94 11.08
C VAL B 245 18.24 -5.89 11.47
N SER B 246 17.65 -4.69 11.43
CA SER B 246 16.27 -4.54 11.82
C SER B 246 15.47 -3.78 10.75
N ALA B 247 14.19 -4.13 10.67
CA ALA B 247 13.29 -3.56 9.65
C ALA B 247 11.84 -3.82 10.06
N GLY B 248 10.88 -3.23 9.34
CA GLY B 248 9.47 -3.43 9.64
C GLY B 248 8.62 -2.17 9.77
N GLU B 249 9.26 -1.03 9.99
CA GLU B 249 8.48 0.20 10.12
C GLU B 249 7.74 0.52 8.84
N GLN B 250 8.26 0.00 7.73
CA GLN B 250 7.59 0.10 6.44
C GLN B 250 6.99 -1.26 6.03
N THR B 251 6.60 -2.04 7.03
CA THR B 251 5.78 -3.23 6.83
C THR B 251 4.39 -2.98 7.42
N TYR B 252 3.34 -3.30 6.66
CA TYR B 252 2.00 -2.81 7.01
C TYR B 252 0.98 -3.91 7.23
N THR B 253 1.41 -5.17 7.12
CA THR B 253 0.51 -6.29 7.38
C THR B 253 1.18 -7.42 8.15
N LEU B 254 0.35 -8.24 8.79
CA LEU B 254 0.83 -9.41 9.50
C LEU B 254 1.53 -10.39 8.55
N GLN B 255 0.97 -10.60 7.38
CA GLN B 255 1.56 -11.54 6.42
C GLN B 255 2.87 -11.00 5.86
N ALA B 256 2.94 -9.71 5.58
CA ALA B 256 4.20 -9.14 5.09
C ALA B 256 5.28 -9.20 6.18
N LEU B 257 4.84 -9.07 7.43
CA LEU B 257 5.74 -9.21 8.57
C LEU B 257 6.29 -10.62 8.68
N LYS B 258 5.40 -11.59 8.47
CA LYS B 258 5.77 -12.99 8.42
C LYS B 258 6.87 -13.20 7.36
N ASP B 259 6.70 -12.58 6.20
CA ASP B 259 7.65 -12.72 5.11
C ASP B 259 9.00 -12.06 5.38
N LEU B 260 8.97 -10.92 6.08
CA LEU B 260 10.17 -10.25 6.52
C LEU B 260 11.00 -11.20 7.39
N ILE B 261 10.34 -11.84 8.36
CA ILE B 261 10.95 -12.84 9.25
C ILE B 261 11.57 -14.00 8.48
N LEU B 262 10.82 -14.57 7.52
CA LEU B 262 11.29 -15.67 6.68
C LEU B 262 12.48 -15.26 5.81
N SER B 263 12.54 -13.98 5.43
CA SER B 263 13.68 -13.50 4.64
C SER B 263 14.98 -13.56 5.45
N GLY B 264 14.87 -13.45 6.76
CA GLY B 264 16.02 -13.60 7.63
C GLY B 264 16.19 -12.49 8.65
N VAL B 265 15.24 -11.57 8.72
CA VAL B 265 15.31 -10.50 9.71
C VAL B 265 14.97 -11.05 11.11
N ARG B 266 15.70 -10.61 12.12
CA ARG B 266 15.55 -11.16 13.46
C ARG B 266 15.15 -10.08 14.47
N MSE B 267 14.80 -8.92 13.95
CA MSE B 267 14.33 -7.81 14.78
C MSE B 267 13.35 -6.98 13.96
O MSE B 267 13.75 -6.32 12.99
CB MSE B 267 15.50 -6.94 15.27
CG MSE B 267 15.08 -5.75 16.15
SE MSE B 267 16.66 -4.80 16.84
CE MSE B 267 15.87 -3.00 16.89
N VAL B 268 12.08 -7.03 14.33
CA VAL B 268 11.05 -6.37 13.54
C VAL B 268 10.46 -5.16 14.26
N GLN B 269 10.06 -4.16 13.47
CA GLN B 269 9.68 -2.84 13.98
C GLN B 269 8.41 -2.24 13.35
N PRO B 270 7.29 -3.00 13.35
CA PRO B 270 6.07 -2.35 12.86
C PRO B 270 5.68 -1.18 13.77
N ASP B 271 4.89 -0.26 13.25
CA ASP B 271 4.50 0.96 13.94
C ASP B 271 2.97 0.96 14.17
N ILE B 272 2.56 1.25 15.40
CA ILE B 272 1.17 1.09 15.83
C ILE B 272 0.21 2.09 15.19
N VAL B 273 0.73 3.19 14.63
CA VAL B 273 -0.12 4.18 13.94
C VAL B 273 0.03 4.12 12.44
N LYS B 274 0.93 3.26 11.97
CA LYS B 274 1.08 2.99 10.56
C LYS B 274 0.24 1.78 10.21
N MSE B 275 0.03 0.90 11.20
CA MSE B 275 -0.68 -0.37 10.98
C MSE B 275 -1.22 -1.02 12.24
O MSE B 275 -0.64 -0.88 13.34
CB MSE B 275 0.18 -1.38 10.20
CG MSE B 275 1.39 -1.91 10.96
SE MSE B 275 1.03 -3.47 12.12
CE MSE B 275 0.97 -4.88 10.72
N GLY B 276 -2.33 -1.74 12.06
CA GLY B 276 -2.86 -2.66 13.08
C GLY B 276 -3.49 -2.03 14.30
N GLY B 277 -2.91 -0.93 14.79
CA GLY B 277 -3.34 -0.35 16.06
C GLY B 277 -3.02 -1.30 17.20
N ILE B 278 -3.74 -1.21 18.31
CA ILE B 278 -3.46 -2.14 19.42
C ILE B 278 -3.71 -3.61 19.03
N THR B 279 -4.89 -3.92 18.47
CA THR B 279 -5.22 -5.28 18.01
C THR B 279 -4.16 -5.84 17.05
N GLY B 280 -3.79 -5.07 16.03
CA GLY B 280 -2.84 -5.55 15.04
C GLY B 280 -1.48 -5.83 15.64
N MSE B 281 -1.00 -4.89 16.47
CA MSE B 281 0.33 -5.00 17.06
C MSE B 281 0.45 -6.17 18.02
O MSE B 281 1.48 -6.86 17.99
CB MSE B 281 0.73 -3.68 17.74
CG MSE B 281 1.01 -2.59 16.74
SE MSE B 281 2.65 -2.90 15.74
CE MSE B 281 3.86 -2.16 17.09
N MSE B 282 -0.59 -6.44 18.81
CA MSE B 282 -0.65 -7.64 19.64
C MSE B 282 -0.50 -8.92 18.80
O MSE B 282 0.19 -9.87 19.20
CB MSE B 282 -1.92 -7.70 20.49
CG MSE B 282 -1.95 -6.69 21.65
SE MSE B 282 -0.37 -6.77 22.87
CE MSE B 282 -0.90 -8.34 23.95
N GLN B 283 -1.10 -8.94 17.62
CA GLN B 283 -0.92 -10.04 16.67
C GLN B 283 0.53 -10.13 16.16
N CYS B 284 1.15 -9.00 15.88
CA CYS B 284 2.54 -8.97 15.44
C CYS B 284 3.49 -9.49 16.53
N ALA B 285 3.23 -9.10 17.78
CA ALA B 285 4.03 -9.55 18.91
C ALA B 285 4.00 -11.07 19.05
N ALA B 286 2.80 -11.65 18.88
CA ALA B 286 2.62 -13.10 18.92
C ALA B 286 3.37 -13.80 17.77
N LEU B 287 3.35 -13.19 16.59
CA LEU B 287 4.08 -13.74 15.47
C LEU B 287 5.58 -13.68 15.76
N ALA B 288 6.06 -12.57 16.32
CA ALA B 288 7.48 -12.44 16.62
C ALA B 288 7.92 -13.52 17.61
N HIS B 289 7.11 -13.71 18.65
CA HIS B 289 7.38 -14.68 19.71
C HIS B 289 7.28 -16.11 19.16
N ALA B 290 6.47 -16.31 18.14
CA ALA B 290 6.33 -17.66 17.57
C ALA B 290 7.59 -18.01 16.79
N HIS B 291 8.21 -17.00 16.18
CA HIS B 291 9.40 -17.22 15.36
C HIS B 291 10.71 -16.94 16.10
N GLY B 292 10.65 -16.37 17.30
CA GLY B 292 11.85 -16.09 18.09
C GLY B 292 12.63 -14.86 17.61
N VAL B 293 11.92 -13.82 17.18
CA VAL B 293 12.58 -12.59 16.76
C VAL B 293 12.28 -11.45 17.75
N GLU B 294 13.18 -10.47 17.85
CA GLU B 294 12.94 -9.33 18.73
C GLU B 294 11.84 -8.47 18.14
N PHE B 295 11.05 -7.87 19.02
CA PHE B 295 9.94 -7.03 18.63
C PHE B 295 10.22 -5.66 19.21
N VAL B 296 10.49 -4.69 18.34
CA VAL B 296 11.02 -3.39 18.77
C VAL B 296 10.34 -2.31 17.93
N PRO B 297 9.14 -1.90 18.35
CA PRO B 297 8.29 -1.10 17.47
C PRO B 297 8.89 0.25 17.12
N HIS B 298 8.59 0.70 15.90
CA HIS B 298 8.88 2.05 15.48
C HIS B 298 7.77 2.93 16.05
N GLN B 299 8.14 4.05 16.67
CA GLN B 299 7.18 5.06 17.10
C GLN B 299 7.78 6.45 17.13
N THR B 300 7.22 7.38 16.35
CA THR B 300 7.78 8.75 16.30
C THR B 300 6.86 9.86 16.84
N GLN B 301 5.67 9.52 17.30
CA GLN B 301 4.70 10.52 17.75
C GLN B 301 4.62 10.61 19.28
N PRO B 302 4.62 11.84 19.83
CA PRO B 302 4.74 11.99 21.28
C PRO B 302 3.45 11.86 22.10
N GLY B 303 2.30 11.82 21.42
CA GLY B 303 1.00 11.77 22.12
C GLY B 303 0.32 10.43 22.03
N VAL B 304 -0.76 10.39 21.26
CA VAL B 304 -1.61 9.20 21.15
C VAL B 304 -0.84 7.93 20.74
N GLY B 305 -0.09 8.01 19.64
CA GLY B 305 0.74 6.90 19.19
C GLY B 305 1.67 6.34 20.25
N HIS B 306 2.34 7.24 20.98
CA HIS B 306 3.25 6.87 22.07
C HIS B 306 2.53 6.09 23.16
N PHE B 307 1.36 6.56 23.58
CA PHE B 307 0.56 5.87 24.59
C PHE B 307 0.10 4.48 24.13
N ALA B 308 -0.36 4.37 22.89
CA ALA B 308 -0.74 3.06 22.35
C ALA B 308 0.48 2.15 22.36
N ASN B 309 1.62 2.67 21.91
CA ASN B 309 2.90 1.95 21.90
C ASN B 309 3.27 1.40 23.27
N ILE B 310 3.18 2.21 24.31
CA ILE B 310 3.65 1.76 25.64
C ILE B 310 2.68 0.79 26.35
N HIS B 311 1.39 0.92 26.07
CA HIS B 311 0.44 -0.08 26.53
C HIS B 311 0.78 -1.47 25.98
N VAL B 312 1.03 -1.54 24.67
CA VAL B 312 1.43 -2.80 24.02
C VAL B 312 2.78 -3.32 24.58
N LEU B 313 3.76 -2.44 24.64
CA LEU B 313 5.09 -2.83 25.10
C LEU B 313 5.14 -3.24 26.57
N SER B 314 4.28 -2.68 27.42
CA SER B 314 4.24 -3.16 28.80
C SER B 314 3.87 -4.65 28.87
N THR B 315 3.09 -5.13 27.89
CA THR B 315 2.69 -6.53 27.79
C THR B 315 3.79 -7.46 27.25
N LEU B 316 4.85 -6.88 26.67
CA LEU B 316 5.87 -7.70 26.00
C LEU B 316 6.83 -8.35 27.00
N MSE B 317 6.76 -9.68 27.12
CA MSE B 317 7.64 -10.39 28.04
C MSE B 317 9.13 -10.19 27.70
O MSE B 317 9.88 -9.64 28.49
CB MSE B 317 7.30 -11.87 28.10
CG MSE B 317 8.23 -12.66 29.02
SE MSE B 317 7.73 -14.54 29.14
CE MSE B 317 7.78 -14.99 27.22
N HIS B 318 9.53 -10.65 26.53
CA HIS B 318 10.94 -10.56 26.15
C HIS B 318 11.23 -9.24 25.44
N MSE B 319 11.09 -8.15 26.19
CA MSE B 319 11.51 -6.84 25.70
C MSE B 319 13.03 -6.80 25.77
O MSE B 319 13.64 -7.19 26.75
CB MSE B 319 10.89 -5.73 26.55
CG MSE B 319 10.78 -4.42 25.83
SE MSE B 319 10.16 -2.92 26.94
CE MSE B 319 11.71 -2.78 28.14
N THR B 320 13.65 -6.35 24.68
CA THR B 320 15.10 -6.42 24.57
C THR B 320 15.69 -5.05 24.37
N LYS B 321 15.03 -4.21 23.59
CA LYS B 321 15.50 -2.84 23.37
C LYS B 321 14.51 -1.88 24.01
N PRO B 322 14.90 -0.61 24.23
CA PRO B 322 14.02 0.38 24.84
C PRO B 322 12.98 0.98 23.86
N VAL B 323 12.14 1.89 24.38
CA VAL B 323 11.07 2.52 23.62
C VAL B 323 11.67 3.67 22.84
N GLU B 324 11.31 3.77 21.57
CA GLU B 324 11.79 4.87 20.73
C GLU B 324 11.25 6.24 21.17
N LEU B 325 12.18 7.20 21.28
CA LEU B 325 11.86 8.60 21.52
C LEU B 325 12.47 9.46 20.41
N ALA B 326 11.63 9.81 19.45
CA ALA B 326 12.07 10.50 18.24
C ALA B 326 12.23 12.00 18.44
N ASP B 327 12.70 12.66 17.39
CA ASP B 327 13.05 14.08 17.42
C ASP B 327 11.84 14.96 17.72
N ARG B 328 12.07 16.08 18.40
CA ARG B 328 11.06 17.11 18.54
C ARG B 328 9.80 16.58 19.25
N TRP B 329 9.99 15.69 20.22
CA TRP B 329 8.89 15.19 21.05
C TRP B 329 8.18 16.29 21.83
N ASP B 330 8.82 17.45 21.94
CA ASP B 330 8.26 18.58 22.67
C ASP B 330 7.01 19.12 21.98
N ARG B 331 6.82 18.71 20.73
CA ARG B 331 5.63 19.13 19.97
C ARG B 331 4.34 18.46 20.46
N GLY B 332 4.46 17.53 21.42
CA GLY B 332 3.28 16.99 22.11
C GLY B 332 2.49 18.07 22.84
N ARG B 333 3.19 19.13 23.25
CA ARG B 333 2.56 20.27 23.88
C ARG B 333 2.38 21.35 22.81
N PRO B 334 1.28 22.12 22.89
CA PRO B 334 0.29 22.08 23.98
C PRO B 334 -1.03 21.30 23.72
N VAL B 335 -1.12 20.53 22.65
CA VAL B 335 -2.35 19.77 22.41
C VAL B 335 -2.55 18.73 23.49
N PHE B 336 -1.47 18.07 23.89
CA PHE B 336 -1.56 17.10 24.97
C PHE B 336 -0.95 17.65 26.27
N ARG B 337 -1.55 17.29 27.40
CA ARG B 337 -1.06 17.75 28.71
C ARG B 337 -0.02 16.81 29.30
N ASN B 338 -0.05 15.54 28.88
CA ASN B 338 0.82 14.51 29.43
C ASN B 338 1.60 13.71 28.36
N PRO B 339 2.09 14.40 27.30
CA PRO B 339 2.74 13.66 26.20
C PRO B 339 4.08 13.07 26.62
N ALA B 340 4.65 12.22 25.74
CA ALA B 340 5.88 11.50 25.99
C ALA B 340 6.99 12.39 26.56
N GLU B 341 7.40 12.11 27.80
CA GLU B 341 8.44 12.89 28.45
C GLU B 341 9.15 11.99 29.43
N PRO B 342 10.42 11.65 29.14
CA PRO B 342 11.19 10.74 30.00
C PRO B 342 11.60 11.36 31.32
N VAL B 343 11.54 10.55 32.38
CA VAL B 343 12.02 10.89 33.72
C VAL B 343 13.01 9.78 34.09
N ASP B 344 14.22 10.16 34.48
CA ASP B 344 15.29 9.20 34.76
C ASP B 344 15.42 8.14 33.66
N GLY B 345 15.29 8.58 32.41
CA GLY B 345 15.44 7.69 31.25
C GLY B 345 14.29 6.72 30.99
N HIS B 346 13.18 6.89 31.70
CA HIS B 346 12.03 5.99 31.59
C HIS B 346 10.69 6.71 31.34
N PHE B 347 9.82 6.05 30.58
CA PHE B 347 8.44 6.46 30.45
C PHE B 347 7.61 5.84 31.56
N ALA B 348 6.82 6.67 32.22
CA ALA B 348 5.96 6.20 33.29
C ALA B 348 4.54 5.99 32.75
N LEU B 349 4.13 4.73 32.74
CA LEU B 349 2.79 4.35 32.32
C LEU B 349 1.85 4.38 33.51
N GLY B 350 0.78 5.18 33.40
CA GLY B 350 -0.21 5.32 34.48
C GLY B 350 -1.41 4.40 34.32
N ASP B 351 -2.31 4.45 35.29
CA ASP B 351 -3.40 3.51 35.40
C ASP B 351 -4.78 4.07 35.04
N ALA B 352 -4.83 5.26 34.43
CA ALA B 352 -6.10 5.84 33.99
C ALA B 352 -6.74 4.95 32.92
N PRO B 353 -8.08 4.91 32.87
CA PRO B 353 -8.72 4.02 31.91
C PRO B 353 -8.48 4.44 30.45
N GLY B 354 -8.43 3.44 29.57
CA GLY B 354 -8.11 3.66 28.16
C GLY B 354 -6.62 3.91 27.97
N LEU B 355 -6.30 4.86 27.09
CA LEU B 355 -4.91 5.23 26.84
C LEU B 355 -4.29 5.98 28.00
N GLY B 356 -5.12 6.77 28.71
CA GLY B 356 -4.63 7.70 29.71
C GLY B 356 -3.99 8.95 29.12
N ILE B 357 -4.19 9.20 27.83
CA ILE B 357 -3.77 10.45 27.20
C ILE B 357 -4.72 11.57 27.67
N VAL B 358 -4.16 12.72 28.04
CA VAL B 358 -4.97 13.87 28.47
C VAL B 358 -4.88 14.98 27.43
N VAL B 359 -6.03 15.33 26.85
CA VAL B 359 -6.11 16.28 25.75
C VAL B 359 -6.59 17.64 26.22
N ASP B 360 -5.85 18.70 25.86
CA ASP B 360 -6.29 20.08 26.09
C ASP B 360 -7.27 20.44 24.99
N GLU B 361 -8.56 20.29 25.29
CA GLU B 361 -9.59 20.33 24.25
C GLU B 361 -9.75 21.68 23.55
N ASP B 362 -9.40 22.77 24.23
CA ASP B 362 -9.54 24.09 23.63
C ASP B 362 -8.33 24.45 22.77
N GLU B 363 -7.16 23.92 23.13
CA GLU B 363 -5.97 24.05 22.28
C GLU B 363 -6.16 23.22 21.02
N LEU B 364 -6.71 22.03 21.18
CA LEU B 364 -7.02 21.14 20.08
C LEU B 364 -7.87 21.84 19.04
N ALA B 365 -9.02 22.36 19.46
CA ALA B 365 -10.01 22.97 18.56
C ALA B 365 -9.45 24.19 17.81
N SER B 366 -8.58 24.94 18.48
CA SER B 366 -7.95 26.11 17.89
C SER B 366 -6.93 25.69 16.81
N ARG B 367 -6.48 24.44 16.86
CA ARG B 367 -5.41 23.95 16.00
C ARG B 367 -5.90 22.89 15.01
N ALA B 368 -7.13 22.42 15.22
CA ALA B 368 -7.71 21.33 14.46
C ALA B 368 -8.48 21.79 13.23
N THR B 369 -8.37 21.02 12.14
CA THR B 369 -9.16 21.23 10.94
C THR B 369 -9.82 19.89 10.61
N GLU B 370 -11.14 19.86 10.56
CA GLU B 370 -11.84 18.60 10.23
C GLU B 370 -11.74 18.27 8.75
N ILE B 371 -11.37 17.03 8.46
CA ILE B 371 -11.42 16.51 7.10
C ILE B 371 -12.79 15.87 6.90
N THR B 372 -13.53 16.32 5.90
CA THR B 372 -14.90 15.86 5.70
C THR B 372 -15.15 15.31 4.31
N VAL B 373 -16.14 14.41 4.23
CA VAL B 373 -16.62 13.82 2.99
C VAL B 373 -16.58 14.82 1.81
N GLY B 374 -15.83 14.43 0.78
CA GLY B 374 -15.63 15.21 -0.42
C GLY B 374 -14.60 14.50 -1.31
CA CA C . -9.37 -10.89 -11.17
CA CA D . -1.85 23.76 -10.43
CA CA E . -12.73 16.06 -28.43
CL CL F . 1.12 -35.21 -8.83
CA CA G . 13.70 4.02 11.27
CA CA H . -25.66 -5.99 20.49
CA CA I . -20.73 11.38 10.75
CL CL J . 31.85 -15.26 8.58
#